data_7YJ2
#
_entry.id   7YJ2
#
_cell.length_a   1.00
_cell.length_b   1.00
_cell.length_c   1.00
_cell.angle_alpha   90.00
_cell.angle_beta   90.00
_cell.angle_gamma   90.00
#
_symmetry.space_group_name_H-M   'P 1'
#
loop_
_entity.id
_entity.type
_entity.pdbx_description
1 polymer 'Serine palmitoyltransferase 2'
2 polymer 'Serine palmitoyltransferase 1'
3 polymer 'ORM1-like protein 3'
4 polymer 'Serine palmitoyltransferase small subunit A'
5 polymer 'Serine palmitoyltransferase 1'
6 non-polymer "PYRIDOXAL-5'-PHOSPHATE"
#
loop_
_entity_poly.entity_id
_entity_poly.type
_entity_poly.pdbx_seq_one_letter_code
_entity_poly.pdbx_strand_id
1 'polypeptide(L)'
;MRPEPGGCCCRRTVRANGCVANGEVRNGYVRSSAAAAAAAAAGQIHHVTQNGGLYKRPFNEAFEETPMLVAVLTYVGYGV
LTLFGYLRDFLRYWRIEKCHHATEREEQKDFVSLYQDFENFYTRNLYMRIRDNWNRPICSVPGARVDIMERQSHDYNWSF
KYTGNIIKGVINMGSYNYLGFARNTGSCQEAAAKVLEEYGAGVCSTRQEIGNLDKHEELEELVARFLGVEAAMAYGMGFA
TNSMNIPALVGKGCLILSDELNHASLVLGARLSGATIRIFKHNNMQSLEKLLKDAIVYGQPRTRRPWKKILILVEGIYSM
EGSIVRLPEVIALKKKYKAYLYLDEAHSIGALGPTGRGVVEYFGLDPEDVDVMMGTFTKSFGASGGYIGGKKELIDYLRT
HSHSAVYATSLSPPVVEQIITSMKCIMGQDGTSLGKECVQQLAENTRYFRRRLKEMGFIIYGNEDSPVVPLMLYMPAKIG
AFGREMLKRNIGVVVVGFPATPIIESRARFCLSAAHTKEILDTALKEIDEVGDLLQLKYSRHRLVPLLDRPFDETTYEET
ED
;
B
2 'polypeptide(L)' MATATEQWVLVEMVQALYEAPAYHLILEGILILWIIRLLFSKTYKLQERS E
3 'polypeptide(L)'
;MNVGTAHSEVNPATRVMNSRGIWLSYVLAIGLLHIVLLSIPFVSVPVVWTLTNLIHNMGMYIFLHTVKGTPFETPDQGKA
RLLTHWEQMDYGVQFTASRKFLTITPIVLYFLTSFYTKYDQIHFVLNTVSLMSVLIPKLPQLHGVRIFGINKY
;
D
4 'polypeptide(L)'
;MADYKDDDDKSGPDEVDASGRMAGMALARAWKQMSWFYYQYLLVTALYMLEPWERTVFNSMLVSIVGMALYTGYVFMPQH
IMAILHYFEIVQ
;
C
5 'polypeptide(L)'
;DLTVKEKEELIEEWQPEPLVPPVPKDHPALNYNIVSGPPSHKTVVNGKECINFASFNFLGLLDNPRVKAAALASLKKYGV
GTCGPRGFYGTFDVHLDLEDRLAKFMKTEEAIIYSYGFATIASAIPAYSKRGDIVFVDRAACFAIQKGLQASRSDIKLFK
HNDMADLERLLKEQEIEDQKNPRKARVTRRFIVVEGLYMNTGTICPLPELVKLKYKYKARIFLEESLSFGVLGEHGRGVT
EHYGINIDDIDLISANMENALASIGGFCCGRSFVIDHQRLSGQGYCFSASLPPLLAAAAIEALNIMEENPGIFAVLKEKC
GQIHKALQGISGLKVVGESLSPAFHLQLEESTGSREQDVRLLQEIVDQCMNRSIALTQARYLEKEEKCLPPPSIRVVVTV
EQTEEELERAASTIKEVAQAVLL
;
A
#
# COMPACT_ATOMS: atom_id res chain seq x y z
N ILE A 45 -35.13 5.10 -19.34
CA ILE A 45 -35.47 6.18 -20.25
C ILE A 45 -34.65 6.09 -21.52
N HIS A 46 -33.32 6.05 -21.38
CA HIS A 46 -32.44 6.01 -22.54
C HIS A 46 -32.23 4.59 -23.04
N HIS A 47 -31.77 3.69 -22.18
CA HIS A 47 -31.61 2.29 -22.56
C HIS A 47 -31.55 1.44 -21.31
N VAL A 48 -31.81 0.14 -21.47
CA VAL A 48 -31.77 -0.82 -20.38
C VAL A 48 -30.82 -1.95 -20.75
N THR A 49 -30.69 -2.92 -19.85
CA THR A 49 -29.91 -4.12 -20.11
C THR A 49 -30.80 -5.33 -19.83
N GLN A 50 -30.28 -6.53 -20.14
CA GLN A 50 -31.00 -7.74 -19.78
C GLN A 50 -31.02 -7.96 -18.28
N ASN A 51 -30.01 -7.44 -17.56
CA ASN A 51 -30.03 -7.50 -16.10
C ASN A 51 -31.18 -6.65 -15.56
N GLY A 52 -31.39 -5.48 -16.12
CA GLY A 52 -32.43 -4.59 -15.64
C GLY A 52 -31.88 -3.25 -15.19
N GLY A 53 -30.61 -3.00 -15.45
CA GLY A 53 -30.03 -1.70 -15.19
C GLY A 53 -30.63 -0.66 -16.10
N LEU A 54 -31.15 0.42 -15.54
CA LEU A 54 -31.77 1.50 -16.31
C LEU A 54 -30.80 2.66 -16.40
N TYR A 55 -30.42 3.03 -17.62
CA TYR A 55 -29.54 4.15 -17.86
C TYR A 55 -30.35 5.35 -18.35
N LYS A 56 -30.26 6.47 -17.64
CA LYS A 56 -31.05 7.64 -17.98
C LYS A 56 -30.46 8.40 -19.17
N ARG A 57 -29.12 8.43 -19.22
CA ARG A 57 -28.38 9.09 -20.29
C ARG A 57 -27.34 8.12 -20.84
N PRO A 58 -26.71 8.45 -21.98
CA PRO A 58 -25.75 7.49 -22.52
C PRO A 58 -24.53 7.29 -21.64
N PHE A 59 -24.00 6.07 -21.68
CA PHE A 59 -22.84 5.64 -20.90
C PHE A 59 -21.79 5.20 -21.92
N ASN A 60 -20.96 6.14 -22.34
CA ASN A 60 -20.03 5.90 -23.43
C ASN A 60 -18.59 6.18 -23.03
N GLU A 61 -17.69 5.27 -23.44
CA GLU A 61 -16.29 5.24 -23.03
C GLU A 61 -15.46 4.59 -24.12
N ALA A 62 -14.16 4.40 -23.88
CA ALA A 62 -13.28 3.87 -24.92
C ALA A 62 -11.96 3.41 -24.32
N PHE A 63 -11.49 2.23 -24.74
CA PHE A 63 -10.26 1.64 -24.25
C PHE A 63 -9.47 1.05 -25.43
N GLU A 64 -9.18 1.88 -26.44
CA GLU A 64 -8.53 1.44 -27.65
C GLU A 64 -7.28 0.61 -27.37
N GLU A 65 -7.06 -0.42 -28.19
CA GLU A 65 -5.98 -1.37 -28.00
C GLU A 65 -4.65 -0.84 -28.50
N THR A 66 -3.56 -1.43 -28.00
CA THR A 66 -2.23 -1.03 -28.42
C THR A 66 -1.93 -1.53 -29.82
N PRO A 67 -1.44 -0.69 -30.72
CA PRO A 67 -1.07 -1.16 -32.06
C PRO A 67 0.08 -2.14 -31.99
N MET A 68 0.13 -3.05 -32.96
CA MET A 68 0.99 -4.23 -32.83
C MET A 68 2.48 -3.87 -32.90
N LEU A 69 2.85 -2.91 -33.74
CA LEU A 69 4.25 -2.52 -33.84
C LEU A 69 4.74 -1.88 -32.54
N VAL A 70 3.91 -1.08 -31.89
CA VAL A 70 4.31 -0.45 -30.64
C VAL A 70 4.49 -1.48 -29.54
N ALA A 71 3.60 -2.47 -29.47
CA ALA A 71 3.76 -3.55 -28.52
C ALA A 71 5.02 -4.35 -28.79
N VAL A 72 5.31 -4.64 -30.05
CA VAL A 72 6.53 -5.37 -30.39
C VAL A 72 7.76 -4.56 -30.00
N LEU A 73 7.71 -3.25 -30.15
CA LEU A 73 8.86 -2.41 -29.80
C LEU A 73 9.05 -2.22 -28.30
N THR A 74 7.99 -2.35 -27.51
CA THR A 74 8.16 -2.24 -26.05
C THR A 74 9.00 -3.38 -25.45
N TYR A 75 8.79 -4.61 -25.91
CA TYR A 75 9.53 -5.74 -25.40
C TYR A 75 11.02 -5.66 -25.71
N VAL A 76 11.40 -5.02 -26.82
CA VAL A 76 12.81 -4.84 -27.10
C VAL A 76 13.48 -4.02 -26.02
N GLY A 77 12.88 -2.89 -25.63
CA GLY A 77 13.44 -2.07 -24.59
C GLY A 77 13.32 -2.65 -23.20
N TYR A 78 12.36 -3.54 -22.97
CA TYR A 78 12.31 -4.21 -21.69
C TYR A 78 13.28 -5.38 -21.59
N GLY A 79 13.74 -5.92 -22.70
CA GLY A 79 14.78 -6.94 -22.68
C GLY A 79 16.19 -6.39 -22.68
N VAL A 80 16.40 -5.30 -23.41
CA VAL A 80 17.70 -4.64 -23.39
C VAL A 80 18.06 -4.13 -21.99
N LEU A 81 17.11 -3.59 -21.25
CA LEU A 81 17.35 -3.19 -19.87
C LEU A 81 17.66 -4.37 -18.96
N THR A 82 16.95 -5.49 -19.13
CA THR A 82 17.20 -6.67 -18.31
C THR A 82 18.59 -7.26 -18.54
N LEU A 83 19.04 -7.30 -19.78
CA LEU A 83 20.36 -7.83 -20.10
C LEU A 83 21.45 -7.03 -19.39
N PHE A 84 21.34 -5.70 -19.47
CA PHE A 84 22.28 -4.82 -18.80
C PHE A 84 22.14 -4.85 -17.30
N GLY A 85 20.95 -5.11 -16.76
CA GLY A 85 20.83 -5.31 -15.33
C GLY A 85 21.57 -6.53 -14.84
N TYR A 86 21.48 -7.63 -15.57
CA TYR A 86 22.27 -8.80 -15.22
C TYR A 86 23.76 -8.52 -15.30
N LEU A 87 24.20 -7.83 -16.36
CA LEU A 87 25.62 -7.48 -16.47
C LEU A 87 26.09 -6.62 -15.31
N ARG A 88 25.29 -5.63 -14.91
CA ARG A 88 25.68 -4.75 -13.82
C ARG A 88 25.68 -5.48 -12.50
N ASP A 89 24.74 -6.41 -12.29
CA ASP A 89 24.78 -7.24 -11.10
C ASP A 89 26.06 -8.04 -11.04
N PHE A 90 26.48 -8.60 -12.17
CA PHE A 90 27.74 -9.35 -12.20
C PHE A 90 28.92 -8.46 -11.85
N LEU A 91 28.99 -7.26 -12.44
CA LEU A 91 30.11 -6.37 -12.15
C LEU A 91 30.14 -5.94 -10.70
N ARG A 92 28.97 -5.76 -10.11
CA ARG A 92 28.84 -5.32 -8.72
C ARG A 92 29.06 -6.45 -7.74
N TYR A 93 29.47 -7.62 -8.23
CA TYR A 93 29.70 -8.75 -7.34
C TYR A 93 31.11 -8.70 -6.76
N TRP A 94 32.11 -8.40 -7.58
CA TRP A 94 33.41 -8.03 -7.00
C TRP A 94 34.25 -7.04 -7.80
N ARG A 95 33.67 -6.29 -8.73
CA ARG A 95 34.51 -5.49 -9.62
C ARG A 95 34.17 -4.01 -9.67
N ILE A 96 32.90 -3.66 -9.49
CA ILE A 96 32.50 -2.25 -9.44
C ILE A 96 32.56 -1.73 -8.00
N GLU A 97 32.89 -0.45 -7.88
CA GLU A 97 33.04 0.18 -6.57
C GLU A 97 31.74 0.15 -5.78
N LYS A 98 30.72 0.84 -6.30
CA LYS A 98 29.36 0.82 -5.73
C LYS A 98 29.38 1.11 -4.23
N CYS A 99 30.25 2.01 -3.83
CA CYS A 99 30.42 2.36 -2.42
C CYS A 99 29.46 3.45 -1.98
N HIS A 100 28.54 3.85 -2.86
CA HIS A 100 27.60 4.90 -2.55
C HIS A 100 26.40 4.44 -1.73
N HIS A 101 26.23 3.13 -1.52
CA HIS A 101 25.06 2.62 -0.83
C HIS A 101 25.47 1.90 0.46
N ALA A 102 24.46 1.43 1.17
CA ALA A 102 24.59 0.99 2.55
C ALA A 102 24.67 -0.53 2.65
N THR A 103 25.25 -1.00 3.75
CA THR A 103 25.43 -2.42 4.00
C THR A 103 25.13 -2.72 5.46
N GLU A 104 25.24 -3.99 5.82
CA GLU A 104 25.01 -4.49 7.15
C GLU A 104 26.21 -4.18 8.06
N ARG A 105 25.99 -4.21 9.36
CA ARG A 105 27.06 -3.95 10.31
C ARG A 105 28.12 -5.04 10.23
N GLU A 106 29.30 -4.72 10.75
CA GLU A 106 30.36 -5.72 10.86
C GLU A 106 30.02 -6.80 11.87
N GLU A 107 29.24 -6.46 12.89
CA GLU A 107 28.92 -7.41 13.94
C GLU A 107 27.82 -8.37 13.56
N GLN A 108 27.08 -8.09 12.50
CA GLN A 108 25.97 -8.96 12.13
C GLN A 108 26.21 -9.57 10.75
N LYS A 109 27.45 -9.88 10.44
CA LYS A 109 27.78 -10.49 9.16
C LYS A 109 27.35 -11.96 9.09
N ASP A 110 27.19 -12.59 10.25
CA ASP A 110 26.79 -13.99 10.28
C ASP A 110 25.35 -14.20 10.72
N PHE A 111 24.51 -13.17 10.67
CA PHE A 111 23.08 -13.44 10.75
C PHE A 111 22.60 -13.81 9.35
N VAL A 112 21.39 -14.37 9.26
CA VAL A 112 20.79 -14.56 7.96
C VAL A 112 20.52 -13.20 7.33
N SER A 113 20.74 -13.10 6.03
CA SER A 113 20.62 -11.81 5.36
C SER A 113 19.21 -11.26 5.47
N LEU A 114 19.11 -9.94 5.63
CA LEU A 114 17.82 -9.32 5.88
C LEU A 114 16.92 -9.33 4.65
N TYR A 115 17.48 -9.03 3.48
CA TYR A 115 16.68 -8.98 2.26
C TYR A 115 17.07 -10.09 1.29
N GLN A 116 16.17 -10.38 0.37
CA GLN A 116 16.43 -11.28 -0.75
C GLN A 116 16.77 -10.44 -1.97
N ASP A 117 18.05 -10.49 -2.34
CA ASP A 117 18.60 -9.66 -3.42
C ASP A 117 17.85 -9.62 -4.74
N PHE A 118 17.19 -10.70 -5.10
CA PHE A 118 16.50 -10.73 -6.38
C PHE A 118 15.16 -10.00 -6.36
N GLU A 119 14.63 -9.67 -5.19
CA GLU A 119 13.35 -8.97 -5.16
C GLU A 119 13.48 -7.52 -5.58
N ASN A 120 14.56 -6.85 -5.16
CA ASN A 120 14.77 -5.46 -5.54
C ASN A 120 15.71 -5.39 -6.73
N PHE A 121 15.36 -6.14 -7.76
CA PHE A 121 16.09 -6.15 -9.03
C PHE A 121 15.63 -5.04 -9.94
N TYR A 122 14.32 -4.96 -10.21
CA TYR A 122 13.77 -3.84 -10.94
C TYR A 122 13.99 -2.52 -10.24
N THR A 123 13.92 -2.49 -8.91
CA THR A 123 14.18 -1.26 -8.17
C THR A 123 15.57 -0.69 -8.43
N ARG A 124 16.58 -1.53 -8.43
CA ARG A 124 17.93 -1.02 -8.62
C ARG A 124 18.42 -0.99 -10.07
N ASN A 125 17.64 -1.53 -11.00
CA ASN A 125 18.07 -1.52 -12.38
C ASN A 125 17.18 -0.74 -13.34
N LEU A 126 15.93 -0.52 -12.97
CA LEU A 126 15.01 0.20 -13.84
C LEU A 126 14.46 1.46 -13.21
N TYR A 127 13.79 1.30 -12.08
CA TYR A 127 13.20 2.42 -11.37
C TYR A 127 14.23 3.47 -10.98
N MET A 128 15.39 3.04 -10.54
CA MET A 128 16.45 3.94 -10.13
C MET A 128 17.07 4.81 -11.22
N ARG A 129 16.95 4.38 -12.47
CA ARG A 129 17.51 5.14 -13.59
C ARG A 129 16.70 6.37 -13.94
N ILE A 130 15.40 6.35 -13.67
CA ILE A 130 14.54 7.47 -13.98
C ILE A 130 13.69 7.91 -12.80
N ARG A 131 14.23 7.82 -11.59
CA ARG A 131 13.47 8.19 -10.41
C ARG A 131 13.66 9.63 -9.96
N ASP A 132 13.87 10.54 -10.91
CA ASP A 132 14.03 11.94 -10.57
C ASP A 132 12.73 12.69 -10.81
N ASN A 133 11.65 11.96 -11.01
CA ASN A 133 10.36 12.58 -11.24
C ASN A 133 9.29 11.86 -10.44
N TRP A 134 9.56 11.63 -9.16
CA TRP A 134 8.62 10.93 -8.32
C TRP A 134 8.46 11.46 -6.89
N ASN A 135 9.47 12.17 -6.39
CA ASN A 135 9.40 12.70 -5.04
C ASN A 135 9.74 14.18 -4.99
N ARG A 136 9.41 14.90 -6.06
CA ARG A 136 9.71 16.31 -6.13
C ARG A 136 9.08 17.09 -4.99
N PRO A 137 9.91 17.77 -4.18
CA PRO A 137 9.37 18.53 -3.06
C PRO A 137 8.90 19.90 -3.49
N ILE A 138 7.80 20.36 -2.91
CA ILE A 138 7.21 21.62 -3.25
C ILE A 138 7.22 22.50 -2.00
N CYS A 139 7.18 23.81 -2.23
CA CYS A 139 7.35 24.76 -1.15
C CYS A 139 6.31 25.86 -1.20
N SER A 140 5.06 25.49 -1.48
CA SER A 140 3.96 26.45 -1.46
C SER A 140 2.65 25.69 -1.42
N VAL A 141 1.55 26.43 -1.34
CA VAL A 141 0.22 25.81 -1.37
C VAL A 141 0.00 25.12 -2.71
N PRO A 142 -0.45 23.88 -2.74
CA PRO A 142 -0.57 23.17 -4.02
C PRO A 142 -1.93 23.40 -4.69
N GLY A 143 -1.95 24.25 -5.70
CA GLY A 143 -3.10 24.25 -6.58
C GLY A 143 -3.00 25.20 -7.74
N ALA A 144 -3.21 24.66 -8.94
CA ALA A 144 -3.29 25.36 -10.22
C ALA A 144 -1.95 25.95 -10.64
N ARG A 145 -1.03 26.09 -9.69
CA ARG A 145 0.34 26.57 -9.89
C ARG A 145 1.09 26.31 -8.58
N VAL A 146 2.26 25.70 -8.68
CA VAL A 146 3.05 25.39 -7.50
C VAL A 146 4.50 25.77 -7.67
N ASP A 147 5.20 25.86 -6.55
CA ASP A 147 6.63 26.14 -6.54
C ASP A 147 7.38 24.87 -6.18
N ILE A 148 8.32 24.49 -7.03
CA ILE A 148 9.05 23.24 -6.87
C ILE A 148 10.50 23.53 -6.54
N MET A 149 11.05 22.78 -5.58
CA MET A 149 12.45 22.88 -5.19
C MET A 149 13.33 22.19 -6.22
N GLU A 150 14.33 22.91 -6.71
CA GLU A 150 15.20 22.40 -7.77
C GLU A 150 16.30 21.52 -7.17
N ARG A 151 16.44 20.31 -7.70
CA ARG A 151 17.44 19.36 -7.23
C ARG A 151 18.17 18.77 -8.43
N GLN A 152 19.40 18.33 -8.20
CA GLN A 152 20.23 17.74 -9.25
C GLN A 152 20.99 16.56 -8.69
N SER A 153 21.49 15.72 -9.60
CA SER A 153 22.19 14.50 -9.25
C SER A 153 23.46 14.37 -10.08
N HIS A 154 24.47 13.76 -9.48
CA HIS A 154 25.75 13.56 -10.14
C HIS A 154 26.12 12.10 -10.35
N ASP A 155 25.64 11.19 -9.51
CA ASP A 155 25.90 9.76 -9.67
C ASP A 155 24.67 9.01 -10.14
N TYR A 156 23.89 9.60 -11.05
CA TYR A 156 22.79 8.94 -11.73
C TYR A 156 21.70 8.50 -10.75
N ASN A 157 21.15 9.51 -10.08
CA ASN A 157 20.00 9.43 -9.20
C ASN A 157 20.26 8.67 -7.91
N TRP A 158 21.49 8.20 -7.69
CA TRP A 158 21.78 7.54 -6.43
C TRP A 158 21.82 8.51 -5.26
N SER A 159 22.10 9.79 -5.51
CA SER A 159 22.02 10.84 -4.50
C SER A 159 21.54 12.12 -5.15
N PHE A 160 20.95 13.00 -4.36
CA PHE A 160 20.41 14.26 -4.84
C PHE A 160 20.98 15.41 -4.01
N LYS A 161 20.90 16.60 -4.57
CA LYS A 161 21.38 17.82 -3.93
C LYS A 161 20.50 19.01 -4.31
N TYR A 162 20.01 19.76 -3.33
CA TYR A 162 19.18 20.93 -3.60
C TYR A 162 20.09 22.12 -3.84
N THR A 163 20.02 22.68 -5.05
CA THR A 163 20.89 23.80 -5.39
C THR A 163 20.60 25.02 -4.54
N GLY A 164 19.34 25.41 -4.48
CA GLY A 164 18.94 26.59 -3.74
C GLY A 164 17.90 27.40 -4.46
N ASN A 165 17.63 27.04 -5.71
CA ASN A 165 16.67 27.75 -6.54
C ASN A 165 15.28 27.16 -6.40
N ILE A 166 14.31 27.89 -6.94
CA ILE A 166 12.90 27.52 -6.87
C ILE A 166 12.29 27.76 -8.25
N ILE A 167 11.56 26.77 -8.77
CA ILE A 167 10.87 26.89 -10.05
C ILE A 167 9.45 27.35 -9.74
N LYS A 168 9.18 28.63 -9.91
CA LYS A 168 7.87 29.16 -9.55
C LYS A 168 6.92 29.13 -10.74
N GLY A 169 5.63 29.01 -10.43
CA GLY A 169 4.60 29.07 -11.43
C GLY A 169 4.41 27.82 -12.25
N VAL A 170 4.89 26.68 -11.77
CA VAL A 170 4.72 25.43 -12.51
C VAL A 170 3.26 25.07 -12.52
N ILE A 171 2.71 24.84 -13.71
CA ILE A 171 1.30 24.46 -13.81
C ILE A 171 1.12 23.08 -13.21
N ASN A 172 0.18 22.95 -12.28
CA ASN A 172 0.03 21.74 -11.49
C ASN A 172 -1.06 20.87 -12.09
N MET A 173 -0.69 19.70 -12.58
CA MET A 173 -1.64 18.71 -13.03
C MET A 173 -1.40 17.38 -12.34
N GLY A 174 -0.84 17.41 -11.13
CA GLY A 174 -0.39 16.21 -10.47
C GLY A 174 -1.05 15.92 -9.14
N SER A 175 -1.75 16.89 -8.56
CA SER A 175 -2.41 16.70 -7.28
C SER A 175 -3.92 16.72 -7.44
N TYR A 176 -4.61 15.99 -6.57
CA TYR A 176 -6.07 15.95 -6.56
C TYR A 176 -6.59 17.18 -5.86
N ASN A 177 -7.06 18.14 -6.62
CA ASN A 177 -7.56 19.39 -6.09
C ASN A 177 -8.86 19.73 -6.78
N TYR A 178 -9.75 18.75 -6.90
CA TYR A 178 -10.98 18.95 -7.66
C TYR A 178 -11.71 20.07 -6.95
N LEU A 179 -12.51 20.83 -7.68
CA LEU A 179 -13.28 21.93 -7.10
C LEU A 179 -12.40 23.04 -6.54
N GLY A 180 -11.09 22.85 -6.49
CA GLY A 180 -10.16 23.89 -6.09
C GLY A 180 -10.28 24.45 -4.69
N PHE A 181 -10.38 23.60 -3.67
CA PHE A 181 -10.53 24.07 -2.31
C PHE A 181 -9.21 24.19 -1.55
N ALA A 182 -8.08 23.87 -2.19
CA ALA A 182 -6.78 23.92 -1.52
C ALA A 182 -6.15 25.28 -1.75
N ARG A 183 -6.34 26.16 -0.79
CA ARG A 183 -5.79 27.51 -0.84
C ARG A 183 -5.39 27.96 0.55
N ASN A 184 -4.63 29.04 0.62
CA ASN A 184 -4.17 29.56 1.90
C ASN A 184 -4.75 30.94 2.20
N THR A 185 -5.89 31.28 1.61
CA THR A 185 -6.52 32.56 1.85
C THR A 185 -7.97 32.47 1.39
N GLY A 186 -8.91 32.71 2.29
CA GLY A 186 -10.31 32.52 1.98
C GLY A 186 -11.13 32.40 3.24
N SER A 187 -12.31 31.80 3.15
CA SER A 187 -13.20 31.71 4.29
C SER A 187 -13.20 30.35 4.97
N CYS A 188 -12.59 29.34 4.36
CA CYS A 188 -12.43 28.04 5.01
C CYS A 188 -11.15 27.94 5.79
N GLN A 189 -10.11 28.63 5.33
CA GLN A 189 -8.83 28.66 6.01
C GLN A 189 -8.87 29.77 7.05
N GLU A 190 -10.01 30.44 7.14
CA GLU A 190 -10.23 31.54 8.06
C GLU A 190 -10.75 31.06 9.40
N ALA A 191 -11.59 30.04 9.37
CA ALA A 191 -12.19 29.47 10.57
C ALA A 191 -11.32 28.41 11.22
N ALA A 192 -10.55 27.68 10.43
CA ALA A 192 -9.58 26.75 10.98
C ALA A 192 -8.60 27.45 11.91
N ALA A 193 -8.26 28.70 11.60
CA ALA A 193 -7.37 29.48 12.46
C ALA A 193 -7.99 29.81 13.80
N LYS A 194 -9.32 29.93 13.83
CA LYS A 194 -10.02 30.24 15.07
C LYS A 194 -10.10 29.01 15.96
N VAL A 195 -10.42 27.88 15.35
CA VAL A 195 -10.53 26.63 16.08
C VAL A 195 -9.17 26.21 16.63
N LEU A 196 -8.12 26.43 15.85
CA LEU A 196 -6.77 26.07 16.26
C LEU A 196 -6.35 26.87 17.48
N GLU A 197 -6.72 28.15 17.50
CA GLU A 197 -6.37 29.03 18.61
C GLU A 197 -6.95 28.57 19.94
N GLU A 198 -8.18 28.10 19.93
CA GLU A 198 -8.86 27.68 21.15
C GLU A 198 -8.79 26.20 21.49
N TYR A 199 -8.68 25.34 20.48
CA TYR A 199 -8.62 23.91 20.74
C TYR A 199 -7.19 23.39 20.84
N GLY A 200 -6.46 23.47 19.73
CA GLY A 200 -5.09 23.00 19.69
C GLY A 200 -4.88 22.12 18.48
N ALA A 201 -3.65 21.70 18.27
CA ALA A 201 -3.32 20.85 17.11
C ALA A 201 -4.10 19.54 17.12
N GLY A 202 -3.83 18.68 18.09
CA GLY A 202 -4.53 17.40 18.14
C GLY A 202 -4.93 16.92 19.53
N VAL A 203 -5.79 15.90 19.54
CA VAL A 203 -6.27 15.29 20.78
C VAL A 203 -5.25 14.28 21.29
N CYS A 204 -5.49 13.72 22.48
CA CYS A 204 -4.52 12.78 22.99
C CYS A 204 -5.19 11.54 23.57
N SER A 205 -6.24 11.05 22.90
CA SER A 205 -6.90 9.83 23.33
C SER A 205 -7.83 9.36 22.22
N THR A 206 -8.53 8.28 22.50
CA THR A 206 -9.39 7.62 21.52
C THR A 206 -10.84 8.03 21.70
N ARG A 207 -11.64 7.77 20.67
CA ARG A 207 -13.04 8.18 20.67
C ARG A 207 -13.81 7.57 21.83
N GLN A 208 -13.36 6.44 22.32
CA GLN A 208 -14.11 5.71 23.34
C GLN A 208 -13.66 6.04 24.75
N GLU A 209 -12.52 6.66 24.92
CA GLU A 209 -12.05 7.03 26.24
C GLU A 209 -12.42 8.47 26.52
N ILE A 210 -11.61 9.41 26.04
CA ILE A 210 -11.87 10.83 26.27
C ILE A 210 -11.58 11.66 25.01
N GLY A 211 -11.42 11.01 23.89
CA GLY A 211 -11.19 11.75 22.67
C GLY A 211 -12.42 11.94 21.81
N ASN A 212 -13.55 12.19 22.45
CA ASN A 212 -14.82 12.42 21.79
C ASN A 212 -15.25 13.85 22.12
N LEU A 213 -14.95 14.78 21.23
CA LEU A 213 -15.29 16.18 21.43
C LEU A 213 -16.68 16.45 20.85
N ASP A 214 -17.14 17.68 20.96
CA ASP A 214 -18.38 18.06 20.32
C ASP A 214 -18.19 18.47 18.87
N LYS A 215 -16.96 18.72 18.43
CA LYS A 215 -16.68 18.92 17.02
C LYS A 215 -16.97 17.66 16.21
N HIS A 216 -16.58 16.51 16.72
CA HIS A 216 -16.87 15.25 16.03
C HIS A 216 -18.36 15.00 15.92
N GLU A 217 -19.09 15.35 16.97
CA GLU A 217 -20.55 15.20 17.01
C GLU A 217 -21.21 16.17 16.04
N GLU A 218 -20.62 17.35 15.87
CA GLU A 218 -21.14 18.33 14.93
C GLU A 218 -20.87 17.97 13.48
N LEU A 219 -19.75 17.30 13.18
CA LEU A 219 -19.44 16.91 11.80
C LEU A 219 -20.18 15.66 11.35
N GLU A 220 -20.35 14.67 12.23
CA GLU A 220 -20.96 13.43 11.78
C GLU A 220 -22.43 13.60 11.43
N GLU A 221 -23.05 14.63 11.98
CA GLU A 221 -24.45 14.94 11.73
C GLU A 221 -24.61 15.60 10.37
N LEU A 222 -23.60 16.38 9.98
CA LEU A 222 -23.62 17.08 8.71
C LEU A 222 -23.31 16.15 7.54
N VAL A 223 -22.41 15.19 7.73
CA VAL A 223 -22.10 14.29 6.63
C VAL A 223 -23.32 13.48 6.21
N ALA A 224 -24.16 13.08 7.16
CA ALA A 224 -25.36 12.31 6.86
C ALA A 224 -26.37 13.14 6.07
N ARG A 225 -26.51 14.43 6.41
CA ARG A 225 -27.36 15.31 5.61
C ARG A 225 -26.82 15.51 4.21
N PHE A 226 -25.51 15.57 4.06
CA PHE A 226 -24.93 15.68 2.73
C PHE A 226 -25.25 14.45 1.90
N LEU A 227 -24.95 13.25 2.42
CA LEU A 227 -25.10 12.06 1.59
C LEU A 227 -26.57 11.69 1.36
N GLY A 228 -27.43 12.00 2.32
CA GLY A 228 -28.80 11.57 2.26
C GLY A 228 -29.09 10.25 2.95
N VAL A 229 -28.29 9.90 3.95
CA VAL A 229 -28.44 8.64 4.68
C VAL A 229 -28.94 8.95 6.08
N GLU A 230 -28.99 7.93 6.94
CA GLU A 230 -29.45 8.12 8.31
C GLU A 230 -28.34 8.57 9.26
N ALA A 231 -27.16 7.96 9.19
CA ALA A 231 -26.11 8.19 10.17
C ALA A 231 -24.75 8.01 9.51
N ALA A 232 -23.71 8.56 10.14
CA ALA A 232 -22.36 8.49 9.60
C ALA A 232 -21.34 8.43 10.73
N MET A 233 -20.07 8.34 10.35
CA MET A 233 -18.98 8.21 11.31
C MET A 233 -17.67 8.54 10.62
N ALA A 234 -16.83 9.37 11.26
CA ALA A 234 -15.59 9.86 10.69
C ALA A 234 -14.39 9.34 11.45
N TYR A 235 -13.27 9.13 10.75
CA TYR A 235 -12.16 8.36 11.31
C TYR A 235 -10.84 9.12 11.43
N GLY A 236 -10.30 9.68 10.36
CA GLY A 236 -9.01 10.31 10.55
C GLY A 236 -7.93 9.84 9.60
N MET A 237 -8.12 8.70 8.96
CA MET A 237 -7.24 8.30 7.87
C MET A 237 -8.08 7.59 6.83
N GLY A 238 -7.92 7.95 5.57
CA GLY A 238 -8.69 7.31 4.53
C GLY A 238 -8.28 5.86 4.31
N PHE A 239 -6.98 5.59 4.39
CA PHE A 239 -6.48 4.23 4.23
C PHE A 239 -6.97 3.32 5.34
N ALA A 240 -7.14 3.84 6.55
CA ALA A 240 -7.54 3.05 7.70
C ALA A 240 -9.04 2.96 7.89
N THR A 241 -9.83 3.67 7.10
CA THR A 241 -11.27 3.46 7.11
C THR A 241 -11.66 2.13 6.49
N ASN A 242 -10.89 1.63 5.53
CA ASN A 242 -11.10 0.31 4.95
C ASN A 242 -10.49 -0.81 5.74
N SER A 243 -9.21 -0.72 6.12
CA SER A 243 -8.50 -1.84 6.70
C SER A 243 -8.81 -2.02 8.18
N MET A 244 -9.61 -1.13 8.76
CA MET A 244 -9.99 -1.29 10.15
C MET A 244 -11.50 -1.40 10.35
N ASN A 245 -12.29 -1.40 9.28
CA ASN A 245 -13.74 -1.59 9.38
C ASN A 245 -14.28 -2.72 8.54
N ILE A 246 -13.59 -3.16 7.49
CA ILE A 246 -14.01 -4.36 6.76
C ILE A 246 -13.88 -5.59 7.66
N PRO A 247 -12.78 -5.79 8.41
CA PRO A 247 -12.72 -6.97 9.27
C PRO A 247 -13.73 -6.96 10.41
N ALA A 248 -14.49 -5.90 10.58
CA ALA A 248 -15.55 -5.84 11.57
C ALA A 248 -16.90 -6.23 11.01
N LEU A 249 -16.99 -6.54 9.73
CA LEU A 249 -18.26 -6.87 9.09
C LEU A 249 -18.33 -8.30 8.60
N VAL A 250 -17.20 -8.89 8.23
CA VAL A 250 -17.16 -10.25 7.72
C VAL A 250 -16.09 -11.04 8.45
N GLY A 251 -16.16 -12.34 8.31
CA GLY A 251 -15.20 -13.24 8.93
C GLY A 251 -15.17 -14.51 8.15
N LYS A 252 -14.82 -15.61 8.82
CA LYS A 252 -14.78 -16.92 8.19
C LYS A 252 -16.22 -17.34 7.95
N GLY A 253 -16.46 -18.03 6.84
CA GLY A 253 -17.81 -18.39 6.46
C GLY A 253 -18.46 -17.43 5.51
N CYS A 254 -17.85 -16.28 5.23
CA CYS A 254 -18.38 -15.30 4.31
C CYS A 254 -17.50 -15.24 3.06
N LEU A 255 -18.03 -14.57 2.03
CA LEU A 255 -17.39 -14.49 0.73
C LEU A 255 -17.28 -13.04 0.30
N ILE A 256 -16.13 -12.68 -0.26
CA ILE A 256 -15.87 -11.34 -0.76
C ILE A 256 -15.67 -11.41 -2.26
N LEU A 257 -16.37 -10.56 -3.01
CA LEU A 257 -16.25 -10.46 -4.46
C LEU A 257 -15.62 -9.10 -4.78
N SER A 258 -14.37 -9.11 -5.23
CA SER A 258 -13.61 -7.90 -5.47
C SER A 258 -13.44 -7.62 -6.95
N ASP A 259 -13.45 -6.35 -7.31
CA ASP A 259 -13.10 -5.95 -8.65
C ASP A 259 -11.59 -6.09 -8.85
N GLU A 260 -11.20 -6.28 -10.10
CA GLU A 260 -9.81 -6.51 -10.44
C GLU A 260 -8.91 -5.36 -9.98
N LEU A 261 -9.34 -4.12 -10.22
CA LEU A 261 -8.52 -2.94 -9.94
C LEU A 261 -9.01 -2.22 -8.69
N ASN A 262 -8.79 -2.83 -7.53
CA ASN A 262 -9.17 -2.17 -6.29
C ASN A 262 -7.96 -1.56 -5.61
N HIS A 263 -8.22 -0.59 -4.75
CA HIS A 263 -7.16 0.09 -4.02
C HIS A 263 -6.51 -0.86 -3.03
N ALA A 264 -5.32 -0.50 -2.57
CA ALA A 264 -4.57 -1.36 -1.66
C ALA A 264 -5.25 -1.50 -0.32
N SER A 265 -5.88 -0.44 0.18
CA SER A 265 -6.57 -0.50 1.45
C SER A 265 -7.73 -1.47 1.42
N LEU A 266 -8.50 -1.48 0.33
CA LEU A 266 -9.60 -2.41 0.19
C LEU A 266 -9.11 -3.85 0.17
N VAL A 267 -7.98 -4.11 -0.49
CA VAL A 267 -7.42 -5.44 -0.55
C VAL A 267 -6.83 -5.90 0.78
N LEU A 268 -6.19 -5.02 1.54
CA LEU A 268 -5.68 -5.34 2.86
C LEU A 268 -6.78 -5.58 3.89
N GLY A 269 -7.84 -4.78 3.85
CA GLY A 269 -8.94 -4.99 4.76
C GLY A 269 -9.63 -6.31 4.57
N ALA A 270 -9.68 -6.81 3.34
CA ALA A 270 -10.22 -8.14 3.08
C ALA A 270 -9.27 -9.24 3.52
N ARG A 271 -7.97 -9.05 3.32
CA ARG A 271 -6.99 -10.03 3.73
C ARG A 271 -6.98 -10.20 5.25
N LEU A 272 -7.28 -9.14 5.98
CA LEU A 272 -7.30 -9.22 7.44
C LEU A 272 -8.58 -9.79 8.02
N SER A 273 -9.62 -10.02 7.23
CA SER A 273 -10.90 -10.40 7.82
C SER A 273 -11.01 -11.90 8.06
N GLY A 274 -10.47 -12.70 7.16
CA GLY A 274 -10.59 -14.14 7.26
C GLY A 274 -11.60 -14.78 6.34
N ALA A 275 -12.21 -14.01 5.44
CA ALA A 275 -13.18 -14.51 4.48
C ALA A 275 -12.47 -14.96 3.21
N THR A 276 -13.22 -15.66 2.35
CA THR A 276 -12.71 -16.07 1.06
C THR A 276 -12.83 -14.91 0.06
N ILE A 277 -11.85 -14.80 -0.83
CA ILE A 277 -11.77 -13.68 -1.76
C ILE A 277 -11.77 -14.22 -3.18
N ARG A 278 -12.58 -13.62 -4.05
CA ARG A 278 -12.65 -14.00 -5.45
C ARG A 278 -12.76 -12.73 -6.29
N ILE A 279 -11.99 -12.67 -7.38
CA ILE A 279 -11.82 -11.45 -8.17
C ILE A 279 -12.52 -11.62 -9.51
N PHE A 280 -13.27 -10.60 -9.94
CA PHE A 280 -13.90 -10.61 -11.24
C PHE A 280 -13.29 -9.54 -12.14
N LYS A 281 -13.42 -9.76 -13.45
CA LYS A 281 -12.86 -8.84 -14.43
C LYS A 281 -13.29 -7.42 -14.14
N HIS A 282 -12.57 -6.46 -14.67
CA HIS A 282 -12.87 -5.06 -14.42
C HIS A 282 -14.16 -4.62 -15.12
N ASN A 283 -15.13 -4.16 -14.34
CA ASN A 283 -16.40 -3.62 -14.83
C ASN A 283 -17.17 -4.61 -15.70
N ASN A 284 -16.86 -5.90 -15.61
CA ASN A 284 -17.56 -6.90 -16.37
C ASN A 284 -18.74 -7.40 -15.56
N MET A 285 -19.96 -7.09 -16.01
CA MET A 285 -21.16 -7.53 -15.31
C MET A 285 -21.61 -8.92 -15.73
N GLN A 286 -20.94 -9.53 -16.70
CA GLN A 286 -21.12 -10.95 -16.99
C GLN A 286 -20.26 -11.83 -16.11
N SER A 287 -19.01 -11.44 -15.90
CA SER A 287 -18.15 -12.11 -14.95
C SER A 287 -18.72 -12.07 -13.54
N LEU A 288 -19.25 -10.93 -13.12
CA LEU A 288 -19.82 -10.85 -11.77
C LEU A 288 -21.00 -11.78 -11.60
N GLU A 289 -21.92 -11.82 -12.56
CA GLU A 289 -23.07 -12.71 -12.44
C GLU A 289 -22.70 -14.18 -12.53
N LYS A 290 -21.73 -14.52 -13.36
CA LYS A 290 -21.28 -15.90 -13.49
C LYS A 290 -20.57 -16.36 -12.22
N LEU A 291 -19.87 -15.44 -11.56
CA LEU A 291 -19.15 -15.75 -10.34
C LEU A 291 -20.03 -15.63 -9.12
N LEU A 292 -21.20 -15.03 -9.26
CA LEU A 292 -22.12 -14.82 -8.16
C LEU A 292 -23.19 -15.91 -8.09
N LYS A 293 -23.49 -16.49 -9.24
CA LYS A 293 -24.48 -17.55 -9.34
C LYS A 293 -23.86 -18.88 -8.96
N ASP A 294 -22.58 -19.04 -9.28
CA ASP A 294 -21.87 -20.27 -8.98
C ASP A 294 -21.44 -20.37 -7.50
N ALA A 295 -21.71 -19.34 -6.72
CA ALA A 295 -21.38 -19.38 -5.31
C ALA A 295 -22.57 -19.73 -4.44
N ILE A 296 -23.78 -19.63 -4.97
CA ILE A 296 -24.98 -20.03 -4.26
C ILE A 296 -25.41 -21.44 -4.60
N VAL A 297 -24.85 -22.05 -5.64
CA VAL A 297 -25.16 -23.44 -5.93
C VAL A 297 -24.13 -24.41 -5.36
N TYR A 298 -22.90 -23.97 -5.10
CA TYR A 298 -21.84 -24.88 -4.69
C TYR A 298 -21.35 -24.68 -3.27
N GLY A 299 -21.68 -23.58 -2.62
CA GLY A 299 -21.32 -23.42 -1.24
C GLY A 299 -19.83 -23.27 -1.01
N GLN A 300 -19.44 -23.45 0.24
CA GLN A 300 -18.08 -23.21 0.68
C GLN A 300 -17.14 -24.27 0.11
N PRO A 301 -15.84 -23.96 0.02
CA PRO A 301 -14.93 -24.76 -0.82
C PRO A 301 -14.85 -26.25 -0.50
N ARG A 302 -14.79 -26.62 0.78
CA ARG A 302 -14.62 -28.03 1.14
C ARG A 302 -15.88 -28.66 1.70
N THR A 303 -16.49 -28.06 2.70
CA THR A 303 -17.67 -28.65 3.32
C THR A 303 -18.92 -28.53 2.46
N ARG A 304 -18.98 -27.52 1.60
CA ARG A 304 -20.11 -27.27 0.69
C ARG A 304 -21.39 -26.95 1.45
N ARG A 305 -21.25 -26.09 2.45
CA ARG A 305 -22.36 -25.50 3.17
C ARG A 305 -22.70 -24.13 2.61
N PRO A 306 -23.90 -23.63 2.84
CA PRO A 306 -24.24 -22.29 2.36
C PRO A 306 -23.35 -21.24 2.98
N TRP A 307 -22.99 -20.23 2.19
CA TRP A 307 -22.22 -19.11 2.70
C TRP A 307 -23.06 -18.34 3.71
N LYS A 308 -22.41 -17.76 4.72
CA LYS A 308 -23.12 -16.95 5.69
C LYS A 308 -23.68 -15.73 4.97
N LYS A 309 -22.84 -15.06 4.19
CA LYS A 309 -23.26 -13.90 3.42
C LYS A 309 -22.25 -13.66 2.32
N ILE A 310 -22.55 -12.70 1.45
CA ILE A 310 -21.71 -12.34 0.32
C ILE A 310 -21.62 -10.82 0.27
N LEU A 311 -20.40 -10.30 0.15
CA LEU A 311 -20.15 -8.87 0.06
C LEU A 311 -19.47 -8.55 -1.26
N ILE A 312 -19.77 -7.38 -1.80
CA ILE A 312 -19.27 -6.92 -3.10
C ILE A 312 -18.57 -5.59 -2.89
N LEU A 313 -17.29 -5.53 -3.23
CA LEU A 313 -16.50 -4.31 -3.11
C LEU A 313 -16.22 -3.74 -4.49
N VAL A 314 -16.70 -2.53 -4.74
CA VAL A 314 -16.45 -1.80 -5.97
C VAL A 314 -16.02 -0.39 -5.58
N GLU A 315 -15.63 0.39 -6.59
CA GLU A 315 -15.24 1.77 -6.39
C GLU A 315 -16.04 2.65 -7.33
N GLY A 316 -16.15 3.93 -6.97
CA GLY A 316 -16.82 4.90 -7.82
C GLY A 316 -16.05 5.22 -9.08
N ILE A 317 -14.83 5.73 -8.92
CA ILE A 317 -13.93 6.01 -10.03
C ILE A 317 -12.63 5.27 -9.80
N TYR A 318 -12.07 4.70 -10.87
CA TYR A 318 -10.77 4.06 -10.85
C TYR A 318 -9.76 5.03 -11.44
N SER A 319 -8.86 5.53 -10.60
CA SER A 319 -8.07 6.70 -10.97
C SER A 319 -7.01 6.38 -12.00
N MET A 320 -6.47 5.18 -11.96
CA MET A 320 -5.45 4.78 -12.93
C MET A 320 -6.07 4.39 -14.27
N GLU A 321 -7.33 3.99 -14.26
CA GLU A 321 -7.97 3.57 -15.50
C GLU A 321 -8.85 4.67 -16.08
N GLY A 322 -9.37 5.55 -15.23
CA GLY A 322 -10.23 6.61 -15.68
C GLY A 322 -11.66 6.22 -15.97
N SER A 323 -12.14 5.13 -15.38
CA SER A 323 -13.46 4.61 -15.68
C SER A 323 -14.42 4.89 -14.54
N ILE A 324 -15.71 4.67 -14.82
CA ILE A 324 -16.79 4.83 -13.85
C ILE A 324 -17.54 3.51 -13.76
N VAL A 325 -17.92 3.13 -12.54
CA VAL A 325 -18.58 1.85 -12.33
C VAL A 325 -19.97 1.85 -12.95
N ARG A 326 -20.40 0.68 -13.42
CA ARG A 326 -21.72 0.50 -13.99
C ARG A 326 -22.74 0.23 -12.88
N LEU A 327 -22.95 1.25 -12.05
CA LEU A 327 -23.73 1.08 -10.84
C LEU A 327 -25.16 0.58 -11.06
N PRO A 328 -25.93 1.05 -12.05
CA PRO A 328 -27.29 0.53 -12.19
C PRO A 328 -27.36 -0.96 -12.46
N GLU A 329 -26.28 -1.57 -12.96
CA GLU A 329 -26.26 -3.01 -13.16
C GLU A 329 -25.73 -3.76 -11.95
N VAL A 330 -24.84 -3.17 -11.16
CA VAL A 330 -24.43 -3.79 -9.92
C VAL A 330 -25.56 -3.77 -8.91
N ILE A 331 -26.36 -2.72 -8.87
CA ILE A 331 -27.53 -2.69 -8.00
C ILE A 331 -28.61 -3.66 -8.43
N ALA A 332 -28.79 -3.88 -9.73
CA ALA A 332 -29.81 -4.78 -10.21
C ALA A 332 -29.39 -6.23 -10.17
N LEU A 333 -28.16 -6.51 -9.76
CA LEU A 333 -27.67 -7.86 -9.56
C LEU A 333 -27.62 -8.28 -8.11
N LYS A 334 -27.33 -7.36 -7.19
CA LYS A 334 -27.29 -7.73 -5.79
C LYS A 334 -28.68 -7.72 -5.16
N LYS A 335 -29.70 -7.26 -5.87
CA LYS A 335 -31.07 -7.46 -5.41
C LYS A 335 -31.67 -8.76 -5.94
N LYS A 336 -31.12 -9.28 -7.02
CA LYS A 336 -31.58 -10.54 -7.56
C LYS A 336 -30.87 -11.74 -6.93
N TYR A 337 -29.70 -11.49 -6.33
CA TYR A 337 -28.93 -12.55 -5.69
C TYR A 337 -28.74 -12.30 -4.21
N LYS A 338 -29.40 -11.29 -3.66
CA LYS A 338 -29.35 -11.00 -2.23
C LYS A 338 -27.98 -10.81 -1.59
N ALA A 339 -27.10 -10.10 -2.28
CA ALA A 339 -25.79 -9.78 -1.78
C ALA A 339 -25.79 -8.38 -1.21
N TYR A 340 -24.71 -8.04 -0.51
CA TYR A 340 -24.54 -6.71 0.09
C TYR A 340 -23.48 -5.95 -0.68
N LEU A 341 -23.62 -4.63 -0.73
CA LEU A 341 -22.78 -3.78 -1.55
C LEU A 341 -21.98 -2.80 -0.69
N TYR A 342 -20.74 -2.57 -1.07
CA TYR A 342 -19.83 -1.69 -0.36
C TYR A 342 -19.24 -0.74 -1.40
N LEU A 343 -19.63 0.51 -1.35
CA LEU A 343 -19.16 1.50 -2.31
C LEU A 343 -18.04 2.36 -1.76
N ASP A 344 -16.97 2.52 -2.55
CA ASP A 344 -15.84 3.34 -2.13
C ASP A 344 -15.72 4.52 -3.11
N GLU A 345 -16.24 5.67 -2.71
CA GLU A 345 -16.22 6.85 -3.58
C GLU A 345 -15.26 7.94 -3.15
N ALA A 346 -13.97 7.63 -3.11
CA ALA A 346 -12.97 8.59 -2.72
C ALA A 346 -12.60 9.51 -3.87
N HIS A 347 -12.93 9.11 -5.09
CA HIS A 347 -12.60 9.91 -6.26
C HIS A 347 -13.81 10.48 -6.98
N SER A 348 -14.98 10.40 -6.36
CA SER A 348 -16.17 10.91 -7.00
C SER A 348 -17.07 11.74 -6.11
N ILE A 349 -16.87 11.69 -4.80
CA ILE A 349 -17.74 12.46 -3.93
C ILE A 349 -17.31 13.91 -4.01
N GLY A 350 -18.12 14.75 -4.65
CA GLY A 350 -17.74 16.10 -4.95
C GLY A 350 -17.22 16.30 -6.35
N ALA A 351 -16.96 15.26 -7.12
CA ALA A 351 -16.48 15.40 -8.48
C ALA A 351 -17.45 14.89 -9.53
N LEU A 352 -18.58 14.30 -9.12
CA LEU A 352 -19.60 13.84 -10.05
C LEU A 352 -20.95 14.30 -9.52
N GLY A 353 -21.90 14.48 -10.44
CA GLY A 353 -23.25 14.81 -10.06
C GLY A 353 -23.56 16.29 -10.21
N PRO A 354 -24.82 16.60 -10.53
CA PRO A 354 -25.21 18.00 -10.75
C PRO A 354 -24.99 18.90 -9.55
N THR A 355 -25.08 18.36 -8.34
CA THR A 355 -24.88 19.14 -7.12
C THR A 355 -23.72 18.62 -6.29
N GLY A 356 -22.82 17.87 -6.90
CA GLY A 356 -21.63 17.37 -6.24
C GLY A 356 -21.88 16.32 -5.18
N ARG A 357 -22.73 15.35 -5.47
CA ARG A 357 -23.05 14.29 -4.52
C ARG A 357 -22.41 12.95 -4.85
N GLY A 358 -21.78 12.79 -5.99
CA GLY A 358 -21.08 11.57 -6.29
C GLY A 358 -21.79 10.74 -7.34
N VAL A 359 -21.36 9.48 -7.44
CA VAL A 359 -21.83 8.61 -8.50
C VAL A 359 -23.28 8.18 -8.29
N VAL A 360 -23.75 8.08 -7.04
CA VAL A 360 -25.14 7.72 -6.80
C VAL A 360 -26.07 8.79 -7.33
N GLU A 361 -25.74 10.05 -7.14
CA GLU A 361 -26.48 11.15 -7.76
C GLU A 361 -26.24 11.25 -9.24
N TYR A 362 -25.03 10.97 -9.71
CA TYR A 362 -24.71 11.04 -11.13
C TYR A 362 -25.54 10.07 -11.94
N PHE A 363 -25.88 8.90 -11.40
CA PHE A 363 -26.67 7.93 -12.12
C PHE A 363 -28.17 8.05 -11.90
N GLY A 364 -28.61 8.98 -11.05
CA GLY A 364 -30.00 9.15 -10.76
C GLY A 364 -30.60 8.14 -9.81
N LEU A 365 -29.77 7.41 -9.07
CA LEU A 365 -30.22 6.32 -8.21
C LEU A 365 -30.51 6.81 -6.80
N ASP A 366 -31.08 5.91 -6.00
CA ASP A 366 -31.54 6.11 -4.62
C ASP A 366 -30.42 5.76 -3.64
N PRO A 367 -29.99 6.71 -2.79
CA PRO A 367 -28.81 6.45 -1.95
C PRO A 367 -28.96 5.28 -1.01
N GLU A 368 -30.19 5.00 -0.58
CA GLU A 368 -30.49 3.93 0.35
C GLU A 368 -30.44 2.50 -0.21
N ASP A 369 -30.09 2.37 -1.49
CA ASP A 369 -29.95 1.06 -2.09
C ASP A 369 -28.54 0.52 -1.92
N VAL A 370 -27.70 1.22 -1.16
CA VAL A 370 -26.30 0.88 -0.93
C VAL A 370 -26.11 0.61 0.56
N ASP A 371 -25.54 -0.53 0.89
CA ASP A 371 -25.46 -0.95 2.28
C ASP A 371 -24.42 -0.14 3.06
N VAL A 372 -23.23 0.04 2.49
CA VAL A 372 -22.19 0.86 3.10
C VAL A 372 -21.69 1.84 2.05
N MET A 373 -21.58 3.11 2.40
CA MET A 373 -20.87 4.08 1.57
C MET A 373 -19.71 4.66 2.35
N MET A 374 -18.53 4.65 1.74
CA MET A 374 -17.32 5.16 2.36
C MET A 374 -16.65 6.14 1.41
N GLY A 375 -15.92 7.10 1.96
CA GLY A 375 -15.21 8.04 1.13
C GLY A 375 -14.09 8.67 1.92
N THR A 376 -13.44 9.65 1.31
CA THR A 376 -12.37 10.41 1.93
C THR A 376 -12.70 11.89 1.87
N PHE A 377 -11.92 12.68 2.60
CA PHE A 377 -12.00 14.13 2.55
C PHE A 377 -10.75 14.75 1.92
N THR A 378 -9.92 13.97 1.26
CA THR A 378 -8.58 14.44 0.91
C THR A 378 -8.41 14.64 -0.59
N LYS A 379 -9.47 14.46 -1.37
CA LYS A 379 -9.35 14.54 -2.82
C LYS A 379 -10.17 15.71 -3.36
N SER A 380 -11.23 16.10 -2.65
CA SER A 380 -12.10 17.18 -3.10
C SER A 380 -12.33 18.26 -2.07
N PHE A 381 -12.03 18.03 -0.79
CA PHE A 381 -12.25 19.01 0.25
C PHE A 381 -10.96 19.68 0.71
N GLY A 382 -9.81 19.18 0.29
CA GLY A 382 -8.55 19.74 0.74
C GLY A 382 -8.30 19.56 2.22
N ALA A 383 -8.52 18.36 2.73
CA ALA A 383 -8.46 18.06 4.15
C ALA A 383 -7.93 16.64 4.34
N SER A 384 -8.22 16.01 5.47
CA SER A 384 -7.83 14.61 5.67
C SER A 384 -8.96 13.87 6.36
N GLY A 385 -8.91 12.55 6.29
CA GLY A 385 -9.86 11.69 6.99
C GLY A 385 -10.80 10.98 6.05
N GLY A 386 -11.65 10.14 6.66
CA GLY A 386 -12.63 9.38 5.90
C GLY A 386 -13.90 9.16 6.69
N TYR A 387 -14.93 8.69 5.99
CA TYR A 387 -16.24 8.53 6.59
C TYR A 387 -16.86 7.23 6.10
N ILE A 388 -17.87 6.77 6.83
CA ILE A 388 -18.75 5.70 6.39
C ILE A 388 -20.18 6.11 6.71
N GLY A 389 -21.08 5.94 5.74
CA GLY A 389 -22.49 6.23 5.93
C GLY A 389 -23.33 5.01 5.64
N GLY A 390 -24.60 5.09 6.01
CA GLY A 390 -25.48 3.97 5.80
C GLY A 390 -26.69 4.00 6.72
N LYS A 391 -27.12 2.82 7.16
CA LYS A 391 -28.26 2.71 8.07
C LYS A 391 -27.86 3.20 9.46
N LYS A 392 -28.80 3.15 10.39
CA LYS A 392 -28.57 3.58 11.75
C LYS A 392 -28.13 2.45 12.66
N GLU A 393 -28.54 1.22 12.39
CA GLU A 393 -28.06 0.07 13.14
C GLU A 393 -26.62 -0.30 12.78
N LEU A 394 -26.21 -0.07 11.55
CA LEU A 394 -24.84 -0.29 11.12
C LEU A 394 -23.85 0.66 11.78
N ILE A 395 -24.16 1.95 11.81
CA ILE A 395 -23.25 2.89 12.46
C ILE A 395 -23.22 2.64 13.96
N ASP A 396 -24.36 2.29 14.53
CA ASP A 396 -24.42 1.92 15.94
C ASP A 396 -23.55 0.72 16.22
N TYR A 397 -23.54 -0.26 15.32
CA TYR A 397 -22.67 -1.41 15.49
C TYR A 397 -21.21 -1.00 15.41
N LEU A 398 -20.85 -0.21 14.41
CA LEU A 398 -19.45 0.15 14.17
C LEU A 398 -18.89 1.06 15.25
N ARG A 399 -19.71 1.85 15.92
CA ARG A 399 -19.21 2.70 17.00
C ARG A 399 -18.65 1.91 18.16
N THR A 400 -18.99 0.63 18.27
CA THR A 400 -18.55 -0.19 19.38
C THR A 400 -17.58 -1.29 19.00
N HIS A 401 -17.61 -1.75 17.74
CA HIS A 401 -16.81 -2.90 17.32
C HIS A 401 -15.78 -2.57 16.26
N SER A 402 -15.37 -1.32 16.15
CA SER A 402 -14.40 -0.92 15.16
C SER A 402 -13.03 -0.78 15.79
N HIS A 403 -12.01 -1.16 15.04
CA HIS A 403 -10.65 -1.10 15.56
C HIS A 403 -10.23 0.33 15.83
N SER A 404 -10.64 1.26 14.96
CA SER A 404 -10.23 2.66 15.08
C SER A 404 -10.91 3.35 16.23
N ALA A 405 -12.17 3.02 16.49
CA ALA A 405 -12.92 3.67 17.55
C ALA A 405 -12.32 3.39 18.92
N VAL A 406 -11.72 2.21 19.11
CA VAL A 406 -11.24 1.81 20.42
C VAL A 406 -9.72 1.86 20.54
N TYR A 407 -8.96 1.82 19.45
CA TYR A 407 -7.52 1.82 19.60
C TYR A 407 -6.82 3.04 19.01
N ALA A 408 -7.38 3.68 17.99
CA ALA A 408 -6.68 4.77 17.32
C ALA A 408 -7.22 6.12 17.74
N THR A 409 -6.34 7.11 17.78
CA THR A 409 -6.74 8.43 18.24
C THR A 409 -7.65 9.10 17.22
N SER A 410 -8.33 10.16 17.65
CA SER A 410 -9.40 10.76 16.88
C SER A 410 -8.84 11.72 15.82
N LEU A 411 -9.73 12.47 15.18
CA LEU A 411 -9.37 13.52 14.25
C LEU A 411 -8.88 14.76 14.97
N SER A 412 -8.24 15.64 14.21
CA SER A 412 -7.71 16.94 14.59
C SER A 412 -8.78 18.02 14.42
N PRO A 413 -9.00 18.86 15.43
CA PRO A 413 -10.06 19.87 15.35
C PRO A 413 -9.90 20.85 14.21
N PRO A 414 -8.69 21.37 13.95
CA PRO A 414 -8.55 22.29 12.81
C PRO A 414 -8.85 21.66 11.46
N VAL A 415 -8.66 20.36 11.31
CA VAL A 415 -9.05 19.69 10.09
C VAL A 415 -10.54 19.50 9.99
N VAL A 416 -11.22 19.15 11.08
CA VAL A 416 -12.66 19.05 11.07
C VAL A 416 -13.32 20.37 10.72
N GLU A 417 -12.74 21.49 11.17
CA GLU A 417 -13.30 22.78 10.82
C GLU A 417 -13.12 23.14 9.35
N GLN A 418 -12.12 22.58 8.66
CA GLN A 418 -12.02 22.69 7.21
C GLN A 418 -13.17 21.98 6.50
N ILE A 419 -13.43 20.73 6.88
CA ILE A 419 -14.47 19.95 6.22
C ILE A 419 -15.84 20.53 6.46
N ILE A 420 -16.12 20.95 7.70
CA ILE A 420 -17.42 21.52 7.99
C ILE A 420 -17.68 22.76 7.16
N THR A 421 -16.68 23.62 6.97
CA THR A 421 -16.86 24.84 6.20
C THR A 421 -16.97 24.59 4.69
N SER A 422 -16.13 23.74 4.12
CA SER A 422 -16.24 23.52 2.68
C SER A 422 -17.48 22.72 2.31
N MET A 423 -17.92 21.78 3.15
CA MET A 423 -19.17 21.07 2.91
C MET A 423 -20.37 21.99 2.96
N LYS A 424 -20.38 22.96 3.87
CA LYS A 424 -21.42 23.98 3.85
C LYS A 424 -21.34 24.87 2.62
N CYS A 425 -20.13 25.17 2.15
CA CYS A 425 -19.97 25.95 0.93
C CYS A 425 -20.58 25.24 -0.28
N ILE A 426 -20.34 23.94 -0.41
CA ILE A 426 -20.86 23.20 -1.57
C ILE A 426 -22.38 23.14 -1.55
N MET A 427 -22.99 22.95 -0.39
CA MET A 427 -24.44 22.87 -0.25
C MET A 427 -25.16 24.17 -0.58
N GLY A 428 -24.45 25.20 -0.98
CA GLY A 428 -25.08 26.49 -1.19
C GLY A 428 -25.51 27.15 0.10
N GLN A 429 -25.01 26.63 1.22
CA GLN A 429 -25.41 27.13 2.54
C GLN A 429 -24.79 28.46 2.97
N ASP A 430 -23.57 28.72 2.52
CA ASP A 430 -22.89 29.93 2.95
C ASP A 430 -23.65 31.18 2.54
N GLY A 431 -24.17 31.19 1.31
CA GLY A 431 -24.92 32.33 0.82
C GLY A 431 -24.51 32.73 -0.58
N THR A 432 -23.33 32.30 -1.01
CA THR A 432 -22.81 32.61 -2.33
C THR A 432 -23.03 31.44 -3.27
N SER A 433 -22.77 31.69 -4.55
CA SER A 433 -22.85 30.67 -5.58
C SER A 433 -21.50 30.04 -5.88
N LEU A 434 -20.55 30.11 -4.94
CA LEU A 434 -19.23 29.52 -5.16
C LEU A 434 -19.35 28.02 -5.37
N GLY A 435 -20.17 27.37 -4.56
CA GLY A 435 -20.29 25.92 -4.65
C GLY A 435 -20.83 25.45 -5.98
N LYS A 436 -21.77 26.21 -6.54
CA LYS A 436 -22.39 25.86 -7.82
C LYS A 436 -21.47 26.14 -9.01
N GLU A 437 -20.81 27.29 -8.98
CA GLU A 437 -19.89 27.67 -10.03
C GLU A 437 -18.73 26.70 -10.09
N CYS A 438 -18.15 26.40 -8.94
CA CYS A 438 -17.01 25.48 -8.91
C CYS A 438 -17.41 24.07 -9.31
N VAL A 439 -18.64 23.66 -9.04
CA VAL A 439 -19.07 22.33 -9.45
C VAL A 439 -19.22 22.25 -10.96
N GLN A 440 -19.79 23.28 -11.57
CA GLN A 440 -20.02 23.30 -13.01
C GLN A 440 -18.77 23.52 -13.85
N GLN A 441 -17.87 24.35 -13.33
CA GLN A 441 -16.61 24.66 -13.99
C GLN A 441 -15.78 23.42 -14.26
N LEU A 442 -15.74 22.51 -13.30
CA LEU A 442 -15.00 21.27 -13.48
C LEU A 442 -15.58 20.44 -14.62
N ALA A 443 -16.90 20.43 -14.78
CA ALA A 443 -17.51 19.68 -15.88
C ALA A 443 -17.13 20.24 -17.24
N GLU A 444 -17.20 21.55 -17.42
CA GLU A 444 -16.79 22.10 -18.70
C GLU A 444 -15.29 21.91 -18.92
N ASN A 445 -14.47 22.09 -17.89
CA ASN A 445 -13.04 21.89 -18.08
C ASN A 445 -12.74 20.47 -18.54
N THR A 446 -13.37 19.48 -17.90
CA THR A 446 -13.14 18.10 -18.30
C THR A 446 -13.56 17.85 -19.74
N ARG A 447 -14.72 18.36 -20.11
CA ARG A 447 -15.23 18.18 -21.47
C ARG A 447 -14.32 18.80 -22.52
N TYR A 448 -13.83 20.00 -22.26
CA TYR A 448 -12.98 20.70 -23.20
C TYR A 448 -11.63 20.01 -23.35
N PHE A 449 -11.00 19.65 -22.23
CA PHE A 449 -9.69 19.03 -22.25
C PHE A 449 -9.75 17.68 -22.96
N ARG A 450 -10.69 16.82 -22.55
CA ARG A 450 -10.77 15.48 -23.12
C ARG A 450 -11.11 15.53 -24.59
N ARG A 451 -11.92 16.50 -25.03
CA ARG A 451 -12.23 16.62 -26.44
C ARG A 451 -11.06 17.11 -27.27
N ARG A 452 -10.30 18.09 -26.76
CA ARG A 452 -9.16 18.59 -27.52
C ARG A 452 -8.10 17.52 -27.70
N LEU A 453 -7.79 16.76 -26.66
CA LEU A 453 -6.75 15.75 -26.79
C LEU A 453 -7.09 14.70 -27.85
N LYS A 454 -8.37 14.33 -27.97
CA LYS A 454 -8.78 13.35 -28.97
C LYS A 454 -8.58 13.86 -30.39
N GLU A 455 -8.93 15.11 -30.65
CA GLU A 455 -8.67 15.68 -31.97
C GLU A 455 -7.19 15.73 -32.25
N MET A 456 -6.40 16.00 -31.22
CA MET A 456 -4.97 16.17 -31.38
C MET A 456 -4.34 14.87 -31.90
N GLY A 457 -4.83 13.72 -31.43
CA GLY A 457 -4.44 12.45 -31.97
C GLY A 457 -3.91 11.42 -30.98
N PHE A 458 -4.08 11.67 -29.68
CA PHE A 458 -3.54 10.77 -28.67
C PHE A 458 -4.54 9.65 -28.33
N ILE A 459 -4.09 8.71 -27.52
CA ILE A 459 -4.95 7.64 -27.01
C ILE A 459 -5.28 7.94 -25.56
N ILE A 460 -6.56 8.15 -25.27
CA ILE A 460 -7.07 8.55 -23.95
C ILE A 460 -8.00 7.45 -23.45
N TYR A 461 -7.80 7.01 -22.22
CA TYR A 461 -8.67 6.00 -21.63
C TYR A 461 -9.80 6.61 -20.83
N GLY A 462 -10.89 5.85 -20.72
CA GLY A 462 -11.89 6.10 -19.70
C GLY A 462 -13.21 6.60 -20.23
N ASN A 463 -14.04 7.01 -19.27
CA ASN A 463 -15.37 7.56 -19.53
C ASN A 463 -15.27 9.05 -19.81
N GLU A 464 -16.16 9.53 -20.67
CA GLU A 464 -16.20 10.92 -21.10
C GLU A 464 -16.48 11.97 -20.03
N ASP A 465 -16.92 11.53 -18.86
CA ASP A 465 -17.27 12.44 -17.78
C ASP A 465 -16.30 12.35 -16.61
N SER A 466 -15.17 11.77 -16.81
CA SER A 466 -14.23 11.47 -15.74
C SER A 466 -13.16 12.55 -15.65
N PRO A 467 -12.93 13.15 -14.48
CA PRO A 467 -11.91 14.21 -14.38
C PRO A 467 -10.49 13.71 -14.36
N VAL A 468 -10.26 12.40 -14.42
CA VAL A 468 -8.93 11.84 -14.47
C VAL A 468 -8.66 11.39 -15.90
N VAL A 469 -7.59 11.91 -16.49
CA VAL A 469 -7.31 11.65 -17.91
C VAL A 469 -5.99 10.91 -18.07
N PRO A 470 -6.00 9.60 -18.23
CA PRO A 470 -4.74 8.90 -18.53
C PRO A 470 -4.36 8.90 -19.99
N LEU A 471 -3.16 9.40 -20.27
CA LEU A 471 -2.55 9.46 -21.58
C LEU A 471 -1.62 8.28 -21.78
N MET A 472 -1.72 7.61 -22.92
CA MET A 472 -0.99 6.37 -23.14
C MET A 472 0.36 6.66 -23.78
N LEU A 473 1.40 6.07 -23.21
CA LEU A 473 2.77 6.19 -23.66
C LEU A 473 3.49 4.91 -23.23
N TYR A 474 3.71 4.02 -24.19
CA TYR A 474 3.89 2.61 -23.85
C TYR A 474 5.34 2.27 -23.56
N MET A 475 6.26 2.87 -24.29
CA MET A 475 7.64 2.43 -24.27
C MET A 475 8.30 2.82 -22.93
N PRO A 476 9.20 2.00 -22.40
CA PRO A 476 9.73 2.28 -21.06
C PRO A 476 10.65 3.49 -20.99
N ALA A 477 11.29 3.88 -22.09
CA ALA A 477 12.18 5.03 -22.06
C ALA A 477 11.45 6.34 -22.32
N LYS A 478 10.19 6.29 -22.73
CA LYS A 478 9.37 7.48 -22.84
C LYS A 478 8.71 7.85 -21.54
N ILE A 479 8.62 6.92 -20.59
CA ILE A 479 8.26 7.26 -19.21
C ILE A 479 9.22 8.30 -18.66
N GLY A 480 10.52 8.06 -18.78
CA GLY A 480 11.49 8.99 -18.25
C GLY A 480 11.62 10.26 -19.06
N ALA A 481 11.24 10.22 -20.33
CA ALA A 481 11.40 11.39 -21.18
C ALA A 481 10.25 12.35 -21.05
N PHE A 482 9.01 11.85 -20.95
CA PHE A 482 7.86 12.75 -20.85
C PHE A 482 7.93 13.60 -19.59
N GLY A 483 8.26 12.98 -18.45
CA GLY A 483 8.32 13.74 -17.21
C GLY A 483 9.41 14.79 -17.19
N ARG A 484 10.51 14.51 -17.89
CA ARG A 484 11.63 15.44 -17.95
C ARG A 484 11.38 16.58 -18.91
N GLU A 485 10.73 16.27 -20.03
CA GLU A 485 10.45 17.29 -21.04
C GLU A 485 9.27 18.17 -20.68
N MET A 486 8.34 17.68 -19.87
CA MET A 486 7.24 18.55 -19.44
C MET A 486 7.68 19.56 -18.40
N LEU A 487 8.53 19.17 -17.46
CA LEU A 487 9.01 20.11 -16.45
C LEU A 487 9.94 21.18 -17.01
N LYS A 488 10.65 20.89 -18.09
CA LYS A 488 11.40 21.92 -18.79
C LYS A 488 10.47 22.98 -19.38
N ARG A 489 9.20 22.64 -19.55
CA ARG A 489 8.20 23.53 -20.14
C ARG A 489 7.19 24.03 -19.11
N ASN A 490 7.49 23.86 -17.83
CA ASN A 490 6.62 24.38 -16.78
C ASN A 490 5.28 23.67 -16.58
N ILE A 491 5.28 22.35 -16.65
CA ILE A 491 4.06 21.57 -16.40
C ILE A 491 4.42 20.42 -15.48
N GLY A 492 3.59 20.17 -14.47
CA GLY A 492 3.82 19.08 -13.55
C GLY A 492 2.83 17.95 -13.72
N VAL A 493 3.34 16.76 -14.03
CA VAL A 493 2.53 15.59 -14.32
C VAL A 493 3.08 14.39 -13.56
N VAL A 494 2.28 13.34 -13.47
CA VAL A 494 2.69 12.08 -12.86
C VAL A 494 2.75 11.02 -13.95
N VAL A 495 3.66 10.06 -13.80
CA VAL A 495 3.82 8.98 -14.75
C VAL A 495 3.87 7.67 -13.97
N VAL A 496 3.50 6.58 -14.64
CA VAL A 496 3.39 5.27 -14.00
C VAL A 496 3.96 4.20 -14.92
N GLY A 497 4.67 3.25 -14.34
CA GLY A 497 5.33 2.19 -15.08
C GLY A 497 4.87 0.77 -14.80
N PHE A 498 5.73 -0.21 -15.10
CA PHE A 498 5.30 -1.61 -15.21
C PHE A 498 4.82 -2.22 -13.90
N PRO A 499 5.60 -2.34 -12.85
CA PRO A 499 5.00 -3.12 -11.74
C PRO A 499 3.97 -2.31 -10.95
N ALA A 500 3.17 -1.54 -11.68
CA ALA A 500 1.98 -0.89 -11.14
C ALA A 500 0.85 -1.02 -12.13
N THR A 501 1.19 -1.21 -13.41
CA THR A 501 0.26 -1.34 -14.52
C THR A 501 0.56 -2.67 -15.21
N PRO A 502 -0.14 -3.05 -16.27
CA PRO A 502 0.34 -4.17 -17.08
C PRO A 502 1.66 -3.82 -17.75
N ILE A 503 2.25 -4.83 -18.40
CA ILE A 503 3.59 -4.67 -18.93
C ILE A 503 3.63 -3.58 -20.00
N ILE A 504 2.90 -3.75 -21.09
CA ILE A 504 2.83 -2.68 -22.08
C ILE A 504 1.60 -1.81 -21.86
N GLU A 505 1.58 -1.04 -20.78
CA GLU A 505 0.49 -0.11 -20.55
C GLU A 505 0.94 1.14 -19.82
N SER A 506 2.14 1.64 -20.07
CA SER A 506 2.61 2.80 -19.33
C SER A 506 1.82 4.03 -19.73
N ARG A 507 1.68 4.96 -18.80
CA ARG A 507 0.77 6.08 -19.02
C ARG A 507 1.20 7.29 -18.21
N ALA A 508 0.63 8.44 -18.56
CA ALA A 508 0.76 9.67 -17.81
C ALA A 508 -0.63 10.06 -17.35
N ARG A 509 -0.77 10.45 -16.10
CA ARG A 509 -2.07 10.80 -15.55
C ARG A 509 -2.27 12.28 -15.29
N PHE A 510 -3.32 12.82 -15.88
CA PHE A 510 -3.67 14.22 -15.70
C PHE A 510 -4.88 14.31 -14.78
N CYS A 511 -4.87 15.28 -13.87
CA CYS A 511 -5.99 15.56 -12.99
C CYS A 511 -6.46 16.97 -13.27
N LEU A 512 -7.75 17.13 -13.52
CA LEU A 512 -8.31 18.45 -13.76
C LEU A 512 -8.92 18.99 -12.48
N SER A 513 -9.17 20.29 -12.47
CA SER A 513 -9.78 20.92 -11.31
C SER A 513 -10.60 22.11 -11.77
N ALA A 514 -11.36 22.67 -10.83
CA ALA A 514 -12.17 23.83 -11.10
C ALA A 514 -11.39 25.13 -10.94
N ALA A 515 -10.14 25.06 -10.51
CA ALA A 515 -9.27 26.22 -10.43
C ALA A 515 -8.45 26.43 -11.71
N HIS A 516 -8.50 25.50 -12.66
CA HIS A 516 -7.79 25.65 -13.92
C HIS A 516 -8.58 26.58 -14.83
N THR A 517 -8.02 27.75 -15.11
CA THR A 517 -8.65 28.72 -15.98
C THR A 517 -8.53 28.22 -17.42
N LYS A 518 -9.22 28.89 -18.34
CA LYS A 518 -9.17 28.53 -19.74
C LYS A 518 -7.83 28.94 -20.36
N GLU A 519 -7.15 29.91 -19.74
CA GLU A 519 -5.84 30.37 -20.21
C GLU A 519 -4.70 29.54 -19.68
N ILE A 520 -4.83 28.93 -18.52
CA ILE A 520 -3.91 27.87 -18.12
C ILE A 520 -4.12 26.64 -18.96
N LEU A 521 -5.36 26.30 -19.25
CA LEU A 521 -5.68 25.02 -19.85
C LEU A 521 -5.27 25.01 -21.32
N ASP A 522 -5.40 26.15 -22.00
CA ASP A 522 -4.86 26.32 -23.33
C ASP A 522 -3.34 26.26 -23.38
N THR A 523 -2.64 26.87 -22.42
CA THR A 523 -1.19 26.77 -22.37
C THR A 523 -0.74 25.32 -22.21
N ALA A 524 -1.39 24.58 -21.32
CA ALA A 524 -1.07 23.16 -21.19
C ALA A 524 -1.34 22.38 -22.46
N LEU A 525 -2.49 22.61 -23.11
CA LEU A 525 -2.78 21.89 -24.35
C LEU A 525 -1.80 22.23 -25.47
N LYS A 526 -1.37 23.48 -25.57
CA LYS A 526 -0.38 23.87 -26.56
C LYS A 526 0.99 23.26 -26.30
N GLU A 527 1.41 23.16 -25.04
CA GLU A 527 2.68 22.54 -24.75
C GLU A 527 2.68 21.02 -24.83
N ILE A 528 1.53 20.37 -24.63
CA ILE A 528 1.49 18.92 -24.81
C ILE A 528 1.68 18.52 -26.27
N ASP A 529 1.21 19.33 -27.22
CA ASP A 529 1.39 19.05 -28.64
C ASP A 529 2.86 18.96 -29.04
N GLU A 530 3.67 19.91 -28.57
CA GLU A 530 5.07 19.93 -28.96
C GLU A 530 5.79 18.68 -28.51
N VAL A 531 5.57 18.27 -27.27
CA VAL A 531 6.20 17.07 -26.74
C VAL A 531 5.65 15.82 -27.40
N GLY A 532 4.36 15.79 -27.74
CA GLY A 532 3.82 14.68 -28.50
C GLY A 532 4.40 14.53 -29.88
N ASP A 533 4.73 15.64 -30.54
CA ASP A 533 5.47 15.59 -31.80
C ASP A 533 6.92 15.17 -31.62
N LEU A 534 7.59 15.76 -30.64
CA LEU A 534 9.00 15.48 -30.37
C LEU A 534 9.26 14.04 -29.93
N LEU A 535 8.35 13.41 -29.20
CA LEU A 535 8.53 12.04 -28.75
C LEU A 535 7.66 11.05 -29.48
N GLN A 536 6.82 11.49 -30.42
CA GLN A 536 5.96 10.62 -31.24
C GLN A 536 4.99 9.82 -30.39
N LEU A 537 4.04 10.54 -29.79
CA LEU A 537 3.08 9.93 -28.89
C LEU A 537 1.68 9.86 -29.47
N LYS A 538 1.49 10.13 -30.74
CA LYS A 538 0.15 10.18 -31.34
C LYS A 538 -0.13 8.86 -32.03
N TYR A 539 -0.50 7.85 -31.25
CA TYR A 539 -0.69 6.50 -31.74
C TYR A 539 -2.08 6.21 -32.27
N SER A 540 -3.04 7.11 -32.11
CA SER A 540 -4.42 6.80 -32.43
C SER A 540 -4.58 6.50 -33.90
N ARG A 541 -5.29 5.40 -34.19
CA ARG A 541 -5.54 4.97 -35.56
C ARG A 541 -6.71 5.74 -36.20
N HIS A 542 -7.61 6.24 -35.38
CA HIS A 542 -8.76 7.00 -35.88
C HIS A 542 -9.00 8.25 -35.03
N ARG A 543 -8.34 9.34 -35.39
CA ARG A 543 -8.43 10.59 -34.67
C ARG A 543 -9.71 11.39 -34.90
N LEU A 544 -10.10 12.16 -33.89
CA LEU A 544 -11.31 12.98 -33.94
C LEU A 544 -11.19 14.13 -34.92
N VAL A 545 -12.33 14.65 -35.36
CA VAL A 545 -12.34 15.75 -36.31
C VAL A 545 -13.31 16.85 -35.86
N PRO A 546 -12.79 18.07 -35.67
CA PRO A 546 -13.57 19.22 -35.23
C PRO A 546 -14.86 19.40 -36.03
N LEU B 10 18.86 -27.44 -52.02
CA LEU B 10 19.18 -28.43 -51.00
C LEU B 10 18.86 -29.83 -51.50
N VAL B 11 19.56 -30.26 -52.53
CA VAL B 11 19.33 -31.59 -53.10
C VAL B 11 19.68 -32.67 -52.11
N GLU B 12 20.81 -32.52 -51.41
CA GLU B 12 21.28 -33.55 -50.50
C GLU B 12 20.30 -33.79 -49.36
N MET B 13 19.75 -32.72 -48.79
CA MET B 13 18.96 -32.84 -47.56
C MET B 13 17.71 -33.67 -47.77
N VAL B 14 16.98 -33.42 -48.86
CA VAL B 14 15.73 -34.15 -49.09
C VAL B 14 15.98 -35.62 -49.42
N GLN B 15 17.03 -35.92 -50.19
CA GLN B 15 17.40 -37.29 -50.52
C GLN B 15 17.98 -38.05 -49.34
N ALA B 16 18.18 -37.41 -48.20
CA ALA B 16 18.66 -38.09 -47.01
C ALA B 16 17.55 -38.51 -46.06
N LEU B 17 16.37 -37.89 -46.14
CA LEU B 17 15.26 -38.34 -45.32
C LEU B 17 14.84 -39.76 -45.71
N TYR B 18 15.06 -40.14 -46.97
CA TYR B 18 14.76 -41.50 -47.38
C TYR B 18 15.63 -42.50 -46.64
N GLU B 19 16.92 -42.21 -46.52
CA GLU B 19 17.85 -43.11 -45.84
C GLU B 19 17.99 -42.77 -44.36
N ALA B 20 16.98 -42.16 -43.76
CA ALA B 20 17.00 -41.87 -42.34
C ALA B 20 16.97 -43.17 -41.55
N PRO B 21 17.76 -43.29 -40.48
CA PRO B 21 17.71 -44.50 -39.65
C PRO B 21 16.31 -44.91 -39.22
N ALA B 22 16.18 -46.15 -38.74
CA ALA B 22 14.88 -46.61 -38.29
C ALA B 22 14.47 -45.93 -36.99
N TYR B 23 15.37 -45.86 -36.02
CA TYR B 23 14.98 -45.39 -34.70
C TYR B 23 14.74 -43.89 -34.64
N HIS B 24 14.96 -43.16 -35.72
CA HIS B 24 14.80 -41.71 -35.65
C HIS B 24 13.44 -41.25 -36.14
N LEU B 25 13.03 -41.73 -37.31
CA LEU B 25 11.74 -41.41 -37.89
C LEU B 25 10.63 -41.97 -37.02
N ILE B 26 10.99 -42.83 -36.07
CA ILE B 26 10.04 -43.42 -35.14
C ILE B 26 9.88 -42.46 -33.97
N LEU B 27 10.93 -41.71 -33.68
CA LEU B 27 10.92 -40.75 -32.60
C LEU B 27 10.19 -39.50 -33.03
N GLU B 28 10.12 -39.28 -34.35
CA GLU B 28 9.45 -38.11 -34.90
C GLU B 28 7.98 -38.40 -35.16
N GLY B 29 7.59 -39.65 -34.96
CA GLY B 29 6.21 -40.06 -35.14
C GLY B 29 5.55 -40.10 -33.78
N ILE B 30 6.35 -40.42 -32.77
CA ILE B 30 5.89 -40.48 -31.39
C ILE B 30 5.73 -39.06 -30.89
N LEU B 31 6.60 -38.17 -31.38
CA LEU B 31 6.58 -36.76 -31.00
C LEU B 31 5.44 -36.00 -31.66
N ILE B 32 4.92 -36.53 -32.75
CA ILE B 32 3.81 -35.90 -33.45
C ILE B 32 2.49 -36.30 -32.80
N LEU B 33 2.53 -37.37 -32.02
CA LEU B 33 1.36 -37.86 -31.31
C LEU B 33 1.31 -37.22 -29.93
N TRP B 34 2.45 -36.72 -29.48
CA TRP B 34 2.56 -36.06 -28.19
C TRP B 34 1.91 -34.70 -28.31
N ILE B 35 2.05 -34.09 -29.48
CA ILE B 35 1.47 -32.80 -29.77
C ILE B 35 -0.04 -32.88 -29.90
N ILE B 36 -0.51 -33.82 -30.70
CA ILE B 36 -1.95 -34.00 -30.93
C ILE B 36 -2.75 -34.28 -29.67
N ARG B 37 -2.16 -35.04 -28.75
CA ARG B 37 -2.82 -35.37 -27.50
C ARG B 37 -2.76 -34.19 -26.54
N LEU B 38 -1.76 -33.33 -26.72
CA LEU B 38 -1.59 -32.15 -25.89
C LEU B 38 -2.30 -30.94 -26.48
N LEU B 39 -2.79 -31.08 -27.71
CA LEU B 39 -3.47 -29.99 -28.37
C LEU B 39 -4.98 -30.21 -28.36
N PHE B 40 -5.44 -31.12 -27.50
CA PHE B 40 -6.85 -31.43 -27.41
C PHE B 40 -7.33 -31.57 -25.97
N SER B 41 -6.46 -31.25 -25.02
CA SER B 41 -6.79 -31.37 -23.60
C SER B 41 -7.76 -30.29 -23.11
N LYS B 42 -8.35 -30.53 -21.94
CA LYS B 42 -9.29 -29.59 -21.33
C LYS B 42 -8.51 -28.50 -20.60
N THR B 43 -8.54 -28.50 -19.28
CA THR B 43 -7.76 -27.52 -18.55
C THR B 43 -7.41 -27.94 -17.12
N TYR B 44 -8.41 -28.18 -16.27
CA TYR B 44 -8.25 -28.81 -14.96
C TYR B 44 -7.19 -28.18 -14.04
N LYS B 45 -7.51 -27.04 -13.46
CA LYS B 45 -6.76 -26.53 -12.31
C LYS B 45 -6.61 -27.61 -11.23
N LEU B 46 -5.37 -27.79 -10.74
CA LEU B 46 -5.05 -28.82 -9.76
C LEU B 46 -5.82 -28.61 -8.46
N GLN B 47 -6.31 -29.70 -7.89
CA GLN B 47 -6.96 -29.67 -6.59
C GLN B 47 -5.98 -30.03 -5.49
N ASN C 11 -0.87 -11.45 -8.93
CA ASN C 11 0.55 -11.41 -9.23
C ASN C 11 0.75 -10.79 -10.60
N PRO C 12 1.47 -9.67 -10.71
CA PRO C 12 1.69 -9.06 -12.03
C PRO C 12 2.53 -9.90 -12.98
N ALA C 13 3.24 -10.90 -12.47
CA ALA C 13 4.19 -11.66 -13.29
C ALA C 13 3.59 -12.92 -13.87
N THR C 14 2.34 -13.26 -13.56
CA THR C 14 1.69 -14.41 -14.15
C THR C 14 0.93 -14.07 -15.43
N ARG C 15 0.63 -12.79 -15.61
CA ARG C 15 -0.11 -12.32 -16.78
C ARG C 15 0.76 -11.79 -17.90
N VAL C 16 2.08 -11.87 -17.75
CA VAL C 16 2.97 -11.32 -18.76
C VAL C 16 2.86 -12.13 -20.05
N MET C 17 2.96 -13.44 -19.92
CA MET C 17 2.93 -14.37 -21.07
C MET C 17 1.58 -14.51 -21.78
N ASN C 18 0.72 -13.52 -21.60
CA ASN C 18 -0.58 -13.46 -22.26
C ASN C 18 -0.73 -12.16 -23.02
N SER C 19 0.15 -11.20 -22.74
CA SER C 19 -0.05 -9.84 -23.20
C SER C 19 -0.02 -9.77 -24.72
N ARG C 20 -0.63 -8.73 -25.28
CA ARG C 20 -0.71 -8.56 -26.72
C ARG C 20 0.65 -8.44 -27.38
N GLY C 21 0.87 -9.24 -28.42
CA GLY C 21 2.11 -9.22 -29.18
C GLY C 21 3.26 -9.97 -28.55
N ILE C 22 3.02 -10.81 -27.56
CA ILE C 22 4.10 -11.51 -26.87
C ILE C 22 4.53 -12.79 -27.60
N TRP C 23 3.64 -13.42 -28.34
CA TRP C 23 4.00 -14.60 -29.11
C TRP C 23 4.80 -14.25 -30.34
N LEU C 24 4.36 -13.23 -31.07
CA LEU C 24 5.08 -12.76 -32.23
C LEU C 24 6.40 -12.10 -31.86
N SER C 25 6.49 -11.45 -30.71
CA SER C 25 7.74 -10.93 -30.22
C SER C 25 8.70 -12.03 -29.77
N TYR C 26 8.19 -13.20 -29.41
CA TYR C 26 9.01 -14.33 -29.01
C TYR C 26 9.50 -15.15 -30.19
N VAL C 27 8.67 -15.26 -31.22
CA VAL C 27 9.00 -16.01 -32.42
C VAL C 27 10.05 -15.25 -33.22
N LEU C 28 10.21 -13.97 -32.93
CA LEU C 28 11.19 -13.14 -33.62
C LEU C 28 12.49 -13.06 -32.83
N ALA C 29 12.45 -13.55 -31.60
CA ALA C 29 13.64 -13.55 -30.75
C ALA C 29 14.48 -14.74 -31.12
N ILE C 30 13.83 -15.79 -31.62
CA ILE C 30 14.51 -17.01 -32.04
C ILE C 30 14.97 -16.81 -33.47
N GLY C 31 14.19 -16.07 -34.23
CA GLY C 31 14.50 -15.79 -35.62
C GLY C 31 15.63 -14.79 -35.79
N LEU C 32 15.87 -13.98 -34.76
CA LEU C 32 16.93 -12.99 -34.80
C LEU C 32 18.23 -13.62 -34.32
N LEU C 33 18.12 -14.67 -33.51
CA LEU C 33 19.29 -15.35 -33.01
C LEU C 33 19.84 -16.31 -34.05
N HIS C 34 18.99 -16.71 -34.98
CA HIS C 34 19.37 -17.63 -36.04
C HIS C 34 20.09 -16.92 -37.18
N ILE C 35 20.04 -15.59 -37.21
CA ILE C 35 20.71 -14.84 -38.26
C ILE C 35 22.04 -14.28 -37.77
N VAL C 36 22.17 -14.12 -36.45
CA VAL C 36 23.41 -13.61 -35.89
C VAL C 36 24.39 -14.75 -35.68
N LEU C 37 23.87 -15.98 -35.71
CA LEU C 37 24.69 -17.17 -35.54
C LEU C 37 25.10 -17.70 -36.89
N LEU C 38 24.29 -17.39 -37.90
CA LEU C 38 24.54 -17.84 -39.27
C LEU C 38 25.33 -16.79 -40.06
N SER C 39 25.74 -15.72 -39.38
CA SER C 39 26.51 -14.67 -40.02
C SER C 39 28.01 -14.90 -39.81
N ILE C 40 28.33 -15.87 -38.96
CA ILE C 40 29.72 -16.20 -38.68
C ILE C 40 30.37 -16.62 -40.00
N PRO C 41 31.57 -16.07 -40.27
CA PRO C 41 32.29 -16.36 -41.52
C PRO C 41 32.87 -17.78 -41.64
N PHE C 42 33.25 -18.38 -40.52
CA PHE C 42 33.85 -19.72 -40.52
C PHE C 42 33.04 -20.79 -39.80
N VAL C 43 31.90 -21.20 -40.36
CA VAL C 43 31.09 -22.24 -39.74
C VAL C 43 30.40 -23.07 -40.82
N SER C 44 29.51 -23.95 -40.38
CA SER C 44 28.77 -24.82 -41.29
C SER C 44 27.27 -24.65 -41.06
N VAL C 45 26.46 -24.99 -42.07
CA VAL C 45 25.02 -24.85 -41.94
C VAL C 45 24.44 -25.83 -40.93
N PRO C 46 24.96 -27.06 -40.91
CA PRO C 46 24.50 -28.06 -39.95
C PRO C 46 24.85 -27.66 -38.52
N VAL C 47 26.01 -27.02 -38.34
CA VAL C 47 26.46 -26.60 -37.02
C VAL C 47 25.78 -25.30 -36.59
N VAL C 48 25.21 -24.58 -37.54
CA VAL C 48 24.51 -23.33 -37.24
C VAL C 48 23.13 -23.67 -36.69
N TRP C 49 22.56 -24.75 -37.21
CA TRP C 49 21.25 -25.22 -36.79
C TRP C 49 21.29 -26.03 -35.50
N THR C 50 22.42 -26.65 -35.16
CA THR C 50 22.55 -27.27 -33.85
C THR C 50 22.76 -26.24 -32.76
N LEU C 51 23.58 -25.23 -33.01
CA LEU C 51 23.79 -24.18 -32.03
C LEU C 51 22.51 -23.44 -31.72
N THR C 52 21.71 -23.13 -32.74
CA THR C 52 20.45 -22.45 -32.48
C THR C 52 19.61 -23.24 -31.49
N ASN C 53 19.44 -24.53 -31.76
CA ASN C 53 18.58 -25.38 -30.92
C ASN C 53 19.11 -25.48 -29.50
N LEU C 54 20.41 -25.76 -29.32
CA LEU C 54 20.95 -25.88 -27.97
C LEU C 54 20.89 -24.58 -27.20
N ILE C 55 21.27 -23.46 -27.82
CA ILE C 55 21.28 -22.19 -27.08
C ILE C 55 19.86 -21.80 -26.69
N HIS C 56 18.91 -21.94 -27.61
CA HIS C 56 17.53 -21.61 -27.28
C HIS C 56 17.01 -22.47 -26.15
N ASN C 57 17.29 -23.78 -26.20
CA ASN C 57 16.78 -24.64 -25.15
C ASN C 57 17.43 -24.37 -23.80
N MET C 58 18.72 -24.04 -23.76
CA MET C 58 19.34 -23.70 -22.49
C MET C 58 18.79 -22.40 -21.90
N GLY C 59 18.60 -21.37 -22.75
CA GLY C 59 18.02 -20.14 -22.27
C GLY C 59 16.61 -20.32 -21.75
N MET C 60 15.78 -21.05 -22.49
CA MET C 60 14.44 -21.37 -22.03
C MET C 60 14.45 -22.16 -20.74
N TYR C 61 15.37 -23.11 -20.59
CA TYR C 61 15.46 -23.89 -19.37
C TYR C 61 15.78 -23.02 -18.17
N ILE C 62 16.75 -22.13 -18.31
CA ILE C 62 17.12 -21.26 -17.19
C ILE C 62 15.96 -20.32 -16.84
N PHE C 63 15.34 -19.72 -17.85
CA PHE C 63 14.32 -18.72 -17.56
C PHE C 63 12.98 -19.30 -17.15
N LEU C 64 12.75 -20.59 -17.39
CA LEU C 64 11.47 -21.17 -17.01
C LEU C 64 11.54 -22.19 -15.89
N HIS C 65 12.70 -22.77 -15.60
CA HIS C 65 12.77 -23.89 -14.68
C HIS C 65 13.90 -23.78 -13.66
N THR C 66 14.55 -22.62 -13.54
CA THR C 66 15.63 -22.50 -12.57
C THR C 66 15.52 -21.26 -11.70
N VAL C 67 15.10 -20.14 -12.27
CA VAL C 67 14.97 -18.90 -11.51
C VAL C 67 13.61 -18.88 -10.85
N LYS C 68 13.57 -18.75 -9.53
CA LYS C 68 12.31 -18.80 -8.80
C LYS C 68 12.11 -17.52 -7.99
N GLY C 69 10.86 -17.08 -7.89
CA GLY C 69 10.53 -15.79 -7.33
C GLY C 69 10.21 -14.77 -8.43
N THR C 70 9.94 -13.55 -7.99
CA THR C 70 9.71 -12.45 -8.90
C THR C 70 10.89 -11.48 -8.89
N PRO C 71 11.05 -10.68 -9.93
CA PRO C 71 12.04 -9.60 -9.91
C PRO C 71 11.60 -8.34 -9.19
N PHE C 72 10.40 -8.32 -8.63
CA PHE C 72 9.88 -7.19 -7.89
C PHE C 72 9.32 -7.70 -6.57
N GLU C 73 8.84 -6.79 -5.73
CA GLU C 73 8.35 -7.13 -4.40
C GLU C 73 7.25 -8.17 -4.46
N THR C 74 7.46 -9.30 -3.78
CA THR C 74 6.58 -10.47 -3.84
C THR C 74 5.15 -10.08 -3.52
N PRO C 75 4.20 -10.53 -4.33
CA PRO C 75 2.83 -10.01 -4.24
C PRO C 75 2.21 -10.04 -2.85
N ASP C 76 2.12 -11.21 -2.23
CA ASP C 76 1.49 -11.33 -0.91
C ASP C 76 2.37 -12.14 0.03
N GLN C 77 3.29 -11.45 0.70
CA GLN C 77 4.11 -12.02 1.77
C GLN C 77 4.98 -13.16 1.27
N GLY C 78 5.16 -13.23 -0.04
CA GLY C 78 6.10 -14.18 -0.61
C GLY C 78 5.61 -15.60 -0.68
N LYS C 79 4.50 -15.80 -1.40
CA LYS C 79 3.94 -17.13 -1.58
C LYS C 79 4.53 -17.83 -2.81
N ALA C 80 5.35 -17.11 -3.57
CA ALA C 80 5.97 -17.66 -4.77
C ALA C 80 7.48 -17.57 -4.69
N ARG C 81 8.04 -17.57 -3.49
CA ARG C 81 9.47 -17.48 -3.32
C ARG C 81 10.18 -18.80 -3.58
N LEU C 82 9.43 -19.89 -3.74
CA LEU C 82 9.99 -21.21 -3.95
C LEU C 82 9.53 -21.85 -5.25
N LEU C 83 8.82 -21.11 -6.10
CA LEU C 83 8.24 -21.64 -7.31
C LEU C 83 8.89 -21.03 -8.54
N THR C 84 9.28 -21.88 -9.48
CA THR C 84 9.86 -21.42 -10.74
C THR C 84 8.78 -20.74 -11.57
N HIS C 85 9.23 -20.01 -12.60
CA HIS C 85 8.28 -19.23 -13.39
C HIS C 85 7.27 -20.13 -14.09
N TRP C 86 7.64 -21.35 -14.41
CA TRP C 86 6.70 -22.27 -15.03
C TRP C 86 5.57 -22.63 -14.10
N GLU C 87 5.85 -22.82 -12.80
CA GLU C 87 4.84 -23.21 -11.84
C GLU C 87 3.97 -22.05 -11.38
N GLN C 88 4.44 -20.80 -11.49
CA GLN C 88 3.62 -19.64 -11.20
C GLN C 88 2.66 -19.32 -12.33
N MET C 89 3.01 -19.68 -13.55
CA MET C 89 2.33 -19.23 -14.74
C MET C 89 0.87 -19.64 -14.75
N ASP C 90 -0.01 -18.69 -15.10
CA ASP C 90 -1.45 -18.94 -15.24
C ASP C 90 -2.08 -19.45 -13.95
N TYR C 91 -1.50 -19.07 -12.82
CA TYR C 91 -2.03 -19.40 -11.50
C TYR C 91 -2.09 -20.90 -11.26
N GLY C 92 -1.25 -21.66 -11.95
CA GLY C 92 -1.15 -23.10 -11.78
C GLY C 92 -2.06 -23.88 -12.69
N VAL C 93 -2.95 -23.22 -13.42
CA VAL C 93 -3.91 -23.88 -14.28
C VAL C 93 -3.18 -24.49 -15.47
N GLN C 94 -3.46 -25.76 -15.76
CA GLN C 94 -2.72 -26.49 -16.78
C GLN C 94 -3.42 -26.45 -18.13
N PHE C 95 -2.62 -26.59 -19.18
CA PHE C 95 -3.09 -26.62 -20.57
C PHE C 95 -3.89 -25.36 -20.92
N THR C 96 -3.27 -24.22 -20.67
CA THR C 96 -3.70 -22.96 -21.22
C THR C 96 -3.02 -22.77 -22.57
N ALA C 97 -3.50 -21.80 -23.34
CA ALA C 97 -2.88 -21.55 -24.64
C ALA C 97 -1.41 -21.19 -24.50
N SER C 98 -1.08 -20.43 -23.46
CA SER C 98 0.30 -20.02 -23.25
C SER C 98 1.19 -21.16 -22.80
N ARG C 99 0.64 -22.18 -22.15
CA ARG C 99 1.43 -23.34 -21.77
C ARG C 99 1.47 -24.37 -22.88
N LYS C 100 0.62 -24.25 -23.89
CA LYS C 100 0.67 -25.12 -25.07
C LYS C 100 1.60 -24.56 -26.14
N PHE C 101 1.65 -23.25 -26.31
CA PHE C 101 2.60 -22.64 -27.23
C PHE C 101 4.04 -22.97 -26.85
N LEU C 102 4.37 -22.87 -25.57
CA LEU C 102 5.70 -23.10 -25.05
C LEU C 102 6.05 -24.57 -24.93
N THR C 103 5.07 -25.46 -24.98
CA THR C 103 5.34 -26.88 -25.09
C THR C 103 5.55 -27.32 -26.52
N ILE C 104 4.82 -26.73 -27.48
CA ILE C 104 4.98 -27.12 -28.88
C ILE C 104 6.21 -26.51 -29.53
N THR C 105 6.60 -25.28 -29.17
CA THR C 105 7.70 -24.62 -29.87
C THR C 105 9.02 -25.40 -29.91
N PRO C 106 9.55 -25.95 -28.81
CA PRO C 106 10.77 -26.75 -28.94
C PRO C 106 10.61 -28.02 -29.74
N ILE C 107 9.38 -28.52 -29.90
CA ILE C 107 9.18 -29.68 -30.77
C ILE C 107 9.27 -29.28 -32.23
N VAL C 108 8.62 -28.18 -32.61
CA VAL C 108 8.72 -27.71 -33.99
C VAL C 108 10.13 -27.30 -34.36
N LEU C 109 10.88 -26.72 -33.43
CA LEU C 109 12.25 -26.31 -33.74
C LEU C 109 13.21 -27.50 -33.79
N TYR C 110 12.76 -28.69 -33.38
CA TYR C 110 13.53 -29.93 -33.51
C TYR C 110 13.36 -30.60 -34.86
N PHE C 111 12.17 -30.54 -35.46
CA PHE C 111 11.95 -31.08 -36.79
C PHE C 111 12.71 -30.32 -37.88
N LEU C 112 13.16 -29.10 -37.59
CA LEU C 112 13.96 -28.36 -38.56
C LEU C 112 15.45 -28.63 -38.40
N THR C 113 15.93 -28.76 -37.16
CA THR C 113 17.32 -29.10 -36.92
C THR C 113 17.60 -30.58 -37.08
N SER C 114 16.58 -31.41 -37.26
CA SER C 114 16.80 -32.76 -37.77
C SER C 114 16.90 -32.78 -39.29
N PHE C 115 16.12 -31.95 -39.97
CA PHE C 115 16.13 -31.91 -41.43
C PHE C 115 17.34 -31.20 -41.99
N TYR C 116 17.85 -30.15 -41.33
CA TYR C 116 18.96 -29.41 -41.88
C TYR C 116 20.32 -29.99 -41.54
N THR C 117 20.41 -30.89 -40.56
CA THR C 117 21.65 -31.59 -40.28
C THR C 117 21.77 -32.86 -41.10
N LYS C 118 20.83 -33.07 -42.01
CA LYS C 118 20.83 -34.24 -42.89
C LYS C 118 20.50 -35.56 -42.20
N TYR C 119 20.15 -35.48 -40.91
CA TYR C 119 19.79 -36.66 -40.12
C TYR C 119 21.04 -37.40 -39.64
N ASP C 120 22.07 -36.63 -39.28
CA ASP C 120 23.31 -37.24 -38.82
C ASP C 120 23.10 -38.02 -37.54
N GLN C 121 24.13 -38.75 -37.13
CA GLN C 121 24.03 -39.58 -35.93
C GLN C 121 24.60 -38.93 -34.67
N ILE C 122 25.59 -38.05 -34.82
CA ILE C 122 26.14 -37.40 -33.64
C ILE C 122 25.36 -36.16 -33.22
N HIS C 123 24.72 -35.46 -34.16
CA HIS C 123 23.87 -34.34 -33.83
C HIS C 123 22.57 -34.78 -33.18
N PHE C 124 22.14 -36.01 -33.45
CA PHE C 124 21.00 -36.63 -32.79
C PHE C 124 21.19 -36.77 -31.29
N VAL C 125 22.34 -37.27 -30.84
CA VAL C 125 22.58 -37.49 -29.42
C VAL C 125 22.69 -36.18 -28.66
N LEU C 126 22.85 -35.05 -29.35
CA LEU C 126 22.85 -33.75 -28.72
C LEU C 126 21.47 -33.13 -28.69
N ASN C 127 20.81 -33.05 -29.86
CA ASN C 127 19.50 -32.42 -29.92
C ASN C 127 18.47 -33.19 -29.11
N THR C 128 18.53 -34.52 -29.14
CA THR C 128 17.56 -35.29 -28.38
C THR C 128 17.73 -35.10 -26.88
N VAL C 129 18.97 -35.06 -26.41
CA VAL C 129 19.23 -34.79 -25.01
C VAL C 129 18.71 -33.41 -24.61
N SER C 130 18.89 -32.41 -25.48
CA SER C 130 18.40 -31.07 -25.14
C SER C 130 16.88 -31.00 -25.14
N LEU C 131 16.23 -31.61 -26.13
CA LEU C 131 14.78 -31.61 -26.18
C LEU C 131 14.18 -32.30 -24.97
N MET C 132 14.73 -33.45 -24.58
CA MET C 132 14.22 -34.11 -23.38
C MET C 132 14.43 -33.24 -22.15
N SER C 133 15.59 -32.58 -22.07
CA SER C 133 15.86 -31.71 -20.93
C SER C 133 14.86 -30.57 -20.82
N VAL C 134 14.34 -30.09 -21.94
CA VAL C 134 13.40 -28.98 -21.87
C VAL C 134 11.96 -29.44 -21.76
N LEU C 135 11.64 -30.68 -22.16
CA LEU C 135 10.27 -31.17 -22.06
C LEU C 135 9.95 -31.96 -20.81
N ILE C 136 10.92 -32.57 -20.14
CA ILE C 136 10.63 -33.31 -18.92
C ILE C 136 10.03 -32.40 -17.84
N PRO C 137 10.58 -31.23 -17.55
CA PRO C 137 10.02 -30.43 -16.46
C PRO C 137 8.59 -29.97 -16.69
N LYS C 138 8.12 -29.96 -17.93
CA LYS C 138 6.80 -29.45 -18.27
C LYS C 138 5.69 -30.47 -18.07
N LEU C 139 6.01 -31.71 -17.73
CA LEU C 139 4.97 -32.68 -17.44
C LEU C 139 4.22 -32.29 -16.17
N PRO C 140 2.90 -32.48 -16.13
CA PRO C 140 2.16 -32.13 -14.91
C PRO C 140 2.56 -32.94 -13.70
N GLN C 141 3.19 -34.08 -13.91
CA GLN C 141 3.59 -34.95 -12.80
C GLN C 141 4.78 -34.44 -12.01
N LEU C 142 5.52 -33.48 -12.56
CA LEU C 142 6.66 -32.92 -11.87
C LEU C 142 6.40 -31.54 -11.30
N HIS C 143 5.15 -31.17 -11.06
CA HIS C 143 4.83 -29.83 -10.59
C HIS C 143 5.27 -29.63 -9.16
N GLY C 144 6.55 -29.34 -8.95
CA GLY C 144 7.08 -29.06 -7.63
C GLY C 144 8.12 -30.03 -7.14
N VAL C 145 8.44 -31.07 -7.91
CA VAL C 145 9.41 -32.05 -7.48
C VAL C 145 10.84 -31.59 -7.71
N ARG C 146 11.68 -31.73 -6.69
CA ARG C 146 13.08 -31.34 -6.78
C ARG C 146 13.96 -32.58 -6.78
N ILE C 147 14.41 -32.99 -7.96
CA ILE C 147 15.25 -34.17 -8.12
C ILE C 147 16.46 -34.14 -7.18
N PHE C 148 16.45 -35.07 -6.23
CA PHE C 148 17.52 -35.23 -5.22
C PHE C 148 17.81 -34.02 -4.33
N GLY C 149 16.80 -33.17 -4.11
CA GLY C 149 16.96 -32.00 -3.27
C GLY C 149 17.49 -30.73 -3.94
N ILE C 150 18.25 -30.88 -5.01
CA ILE C 150 18.84 -29.74 -5.73
C ILE C 150 17.86 -28.61 -6.03
N ASN C 151 18.34 -27.38 -5.89
CA ASN C 151 17.57 -26.16 -6.15
C ASN C 151 16.22 -26.17 -5.44
N LYS C 152 16.26 -26.11 -4.12
CA LYS C 152 15.04 -26.13 -3.32
C LYS C 152 14.91 -24.87 -2.47
N TYR C 153 16.04 -24.32 -2.05
CA TYR C 153 16.03 -23.11 -1.23
C TYR C 153 16.90 -22.03 -1.87
N ALA D 30 19.87 20.49 -42.33
CA ALA D 30 20.03 19.05 -42.55
C ALA D 30 20.67 18.36 -41.34
N TRP D 31 21.23 19.15 -40.44
CA TRP D 31 21.85 18.60 -39.23
C TRP D 31 20.78 18.29 -38.19
N LYS D 32 19.92 19.26 -37.92
CA LYS D 32 18.85 19.10 -36.95
C LYS D 32 18.00 17.88 -37.30
N GLN D 33 17.58 17.78 -38.55
CA GLN D 33 16.77 16.67 -39.01
C GLN D 33 17.46 15.33 -38.76
N MET D 34 18.76 15.27 -39.05
CA MET D 34 19.54 14.04 -38.87
C MET D 34 19.75 13.72 -37.39
N SER D 35 19.78 14.74 -36.55
CA SER D 35 19.98 14.54 -35.13
C SER D 35 18.71 13.99 -34.47
N TRP D 36 17.57 14.30 -35.07
CA TRP D 36 16.28 13.84 -34.54
C TRP D 36 16.12 12.32 -34.65
N PHE D 37 16.63 11.71 -35.72
CA PHE D 37 16.57 10.26 -35.87
C PHE D 37 17.43 9.52 -34.86
N TYR D 38 18.58 10.07 -34.50
CA TYR D 38 19.34 9.46 -33.42
C TYR D 38 18.59 9.53 -32.10
N TYR D 39 17.90 10.63 -31.84
CA TYR D 39 17.07 10.71 -30.64
C TYR D 39 15.96 9.66 -30.63
N GLN D 40 15.26 9.48 -31.75
CA GLN D 40 14.24 8.43 -31.81
C GLN D 40 14.82 7.04 -31.64
N TYR D 41 15.99 6.77 -32.25
CA TYR D 41 16.70 5.52 -32.02
C TYR D 41 17.04 5.29 -30.57
N LEU D 42 17.41 6.34 -29.84
CA LEU D 42 17.72 6.22 -28.42
C LEU D 42 16.50 5.87 -27.58
N LEU D 43 15.30 6.27 -27.99
CA LEU D 43 14.09 5.99 -27.24
C LEU D 43 13.52 4.62 -27.55
N VAL D 44 13.49 4.23 -28.82
CA VAL D 44 12.90 2.95 -29.20
C VAL D 44 13.66 1.77 -28.60
N THR D 45 14.95 1.93 -28.31
CA THR D 45 15.79 0.84 -27.81
C THR D 45 16.13 0.98 -26.33
N ALA D 46 15.68 2.04 -25.67
CA ALA D 46 15.90 2.26 -24.24
C ALA D 46 17.36 2.46 -23.90
N LEU D 47 18.11 3.07 -24.80
CA LEU D 47 19.42 3.60 -24.48
C LEU D 47 19.37 5.04 -24.02
N TYR D 48 18.21 5.68 -24.07
CA TYR D 48 18.09 7.03 -23.54
C TYR D 48 18.37 7.04 -22.04
N MET D 49 18.20 5.89 -21.39
CA MET D 49 18.39 5.81 -19.95
C MET D 49 19.48 4.81 -19.55
N LEU D 50 20.61 4.83 -20.25
CA LEU D 50 21.80 4.10 -19.86
C LEU D 50 22.97 5.06 -19.82
N GLU D 51 24.01 4.71 -19.08
CA GLU D 51 25.18 5.55 -18.92
C GLU D 51 25.99 5.57 -20.21
N PRO D 52 26.89 6.53 -20.38
CA PRO D 52 27.70 6.55 -21.62
C PRO D 52 28.47 5.28 -21.91
N TRP D 53 29.08 4.65 -20.91
CA TRP D 53 29.83 3.43 -21.18
C TRP D 53 28.93 2.27 -21.58
N GLU D 54 27.77 2.13 -20.94
CA GLU D 54 26.79 1.16 -21.38
C GLU D 54 26.31 1.41 -22.80
N ARG D 55 26.11 2.67 -23.16
CA ARG D 55 25.70 3.02 -24.51
C ARG D 55 26.76 2.62 -25.53
N THR D 56 28.03 2.88 -25.24
CA THR D 56 29.10 2.50 -26.14
C THR D 56 29.26 0.99 -26.26
N VAL D 57 29.09 0.25 -25.17
CA VAL D 57 29.15 -1.21 -25.25
C VAL D 57 28.10 -1.77 -26.20
N PHE D 58 26.88 -1.22 -26.22
CA PHE D 58 25.84 -1.67 -27.13
C PHE D 58 26.07 -1.20 -28.56
N ASN D 59 26.44 0.06 -28.77
CA ASN D 59 26.74 0.52 -30.12
C ASN D 59 27.95 -0.17 -30.73
N SER D 60 28.87 -0.69 -29.92
CA SER D 60 30.01 -1.40 -30.46
C SER D 60 29.63 -2.75 -31.04
N MET D 61 28.85 -3.55 -30.31
CA MET D 61 28.46 -4.85 -30.83
C MET D 61 27.27 -4.79 -31.76
N LEU D 62 26.59 -3.65 -31.87
CA LEU D 62 25.61 -3.52 -32.94
C LEU D 62 26.26 -3.30 -34.30
N VAL D 63 27.35 -2.55 -34.36
CA VAL D 63 28.00 -2.29 -35.64
C VAL D 63 28.84 -3.46 -36.11
N SER D 64 29.44 -4.23 -35.20
CA SER D 64 30.25 -5.40 -35.56
C SER D 64 29.43 -6.51 -36.20
N ILE D 65 28.24 -6.80 -35.65
CA ILE D 65 27.43 -7.88 -36.21
C ILE D 65 27.00 -7.55 -37.63
N VAL D 66 26.54 -6.32 -37.85
CA VAL D 66 26.20 -5.90 -39.20
C VAL D 66 27.44 -5.87 -40.08
N GLY D 67 28.59 -5.50 -39.52
CA GLY D 67 29.81 -5.47 -40.30
C GLY D 67 30.20 -6.83 -40.82
N MET D 68 30.09 -7.85 -39.97
CA MET D 68 30.44 -9.20 -40.36
C MET D 68 29.26 -9.92 -40.99
N ALA D 69 28.22 -9.14 -41.32
CA ALA D 69 27.04 -9.70 -41.96
C ALA D 69 27.08 -9.40 -43.46
N LEU D 70 27.91 -8.43 -43.84
CA LEU D 70 28.07 -8.07 -45.23
C LEU D 70 29.21 -8.90 -45.81
N TYR D 71 30.18 -9.21 -44.94
CA TYR D 71 31.34 -10.01 -45.34
C TYR D 71 30.93 -11.44 -45.64
N THR D 72 29.93 -11.94 -44.90
CA THR D 72 29.43 -13.29 -45.10
C THR D 72 28.40 -13.31 -46.22
N GLY D 73 27.91 -12.13 -46.58
CA GLY D 73 26.95 -12.01 -47.66
C GLY D 73 27.63 -11.55 -48.94
N TYR D 74 28.95 -11.63 -48.94
CA TYR D 74 29.74 -11.23 -50.10
C TYR D 74 30.57 -12.40 -50.59
N VAL D 75 31.18 -13.12 -49.66
CA VAL D 75 32.00 -14.29 -50.02
C VAL D 75 31.10 -15.41 -50.50
N PHE D 76 29.91 -15.51 -49.90
CA PHE D 76 28.95 -16.54 -50.29
C PHE D 76 27.91 -15.93 -51.21
N MET D 77 28.38 -15.30 -52.28
CA MET D 77 27.52 -14.68 -53.27
C MET D 77 28.28 -14.42 -54.57
N ASP E 1 -24.93 -33.04 -14.84
CA ASP E 1 -25.10 -32.67 -13.44
C ASP E 1 -25.83 -31.33 -13.33
N LEU E 2 -26.89 -31.31 -12.51
CA LEU E 2 -27.57 -30.07 -12.16
C LEU E 2 -28.15 -29.36 -13.37
N THR E 3 -29.26 -29.87 -13.90
CA THR E 3 -29.95 -29.23 -15.02
C THR E 3 -30.37 -27.81 -14.65
N VAL E 4 -30.78 -27.05 -15.65
CA VAL E 4 -30.89 -25.60 -15.54
C VAL E 4 -32.25 -25.23 -14.95
N LYS E 5 -33.00 -26.23 -14.51
CA LYS E 5 -34.28 -25.97 -13.88
C LYS E 5 -34.23 -25.95 -12.36
N GLU E 6 -33.47 -26.84 -11.73
CA GLU E 6 -33.37 -26.82 -10.28
C GLU E 6 -32.29 -25.87 -9.78
N LYS E 7 -31.47 -25.30 -10.65
CA LYS E 7 -30.56 -24.26 -10.19
C LYS E 7 -31.28 -23.04 -9.69
N GLU E 8 -32.39 -22.66 -10.33
CA GLU E 8 -33.17 -21.55 -9.82
C GLU E 8 -33.77 -21.84 -8.46
N GLU E 9 -34.15 -23.09 -8.16
CA GLU E 9 -34.64 -23.40 -6.84
C GLU E 9 -33.58 -23.21 -5.77
N LEU E 10 -32.35 -23.67 -6.04
CA LEU E 10 -31.24 -23.44 -5.12
C LEU E 10 -30.98 -21.95 -4.93
N ILE E 11 -30.91 -21.21 -6.04
CA ILE E 11 -30.68 -19.77 -5.97
C ILE E 11 -31.80 -19.04 -5.26
N GLU E 12 -33.00 -19.61 -5.31
CA GLU E 12 -34.19 -18.98 -4.75
C GLU E 12 -34.44 -19.24 -3.27
N GLU E 13 -34.01 -20.39 -2.77
CA GLU E 13 -34.23 -20.71 -1.37
C GLU E 13 -33.16 -20.15 -0.43
N TRP E 14 -32.04 -19.64 -0.97
CA TRP E 14 -30.94 -19.18 -0.13
C TRP E 14 -31.36 -17.98 0.69
N GLN E 15 -30.78 -17.85 1.88
CA GLN E 15 -31.13 -16.76 2.77
C GLN E 15 -29.92 -16.31 3.57
N PRO E 16 -29.37 -15.13 3.29
CA PRO E 16 -28.21 -14.64 4.03
C PRO E 16 -28.56 -14.17 5.43
N GLU E 17 -27.52 -14.01 6.23
CA GLU E 17 -27.64 -13.40 7.54
C GLU E 17 -27.56 -11.89 7.43
N PRO E 18 -28.12 -11.16 8.39
CA PRO E 18 -28.08 -9.70 8.31
C PRO E 18 -26.67 -9.18 8.43
N LEU E 19 -26.44 -7.99 7.89
CA LEU E 19 -25.09 -7.43 7.81
C LEU E 19 -24.49 -7.23 9.20
N VAL E 20 -25.27 -6.74 10.15
CA VAL E 20 -24.81 -6.56 11.51
C VAL E 20 -25.72 -7.36 12.43
N PRO E 21 -25.22 -7.99 13.47
CA PRO E 21 -26.07 -8.78 14.35
C PRO E 21 -26.99 -7.88 15.16
N PRO E 22 -28.22 -8.31 15.40
CA PRO E 22 -29.09 -7.57 16.34
C PRO E 22 -28.52 -7.62 17.75
N VAL E 23 -28.67 -6.50 18.46
CA VAL E 23 -28.04 -6.33 19.77
C VAL E 23 -28.71 -7.23 20.81
N PRO E 24 -27.96 -8.08 21.50
CA PRO E 24 -28.59 -9.05 22.40
C PRO E 24 -29.20 -8.40 23.63
N LYS E 25 -28.40 -7.62 24.35
CA LYS E 25 -28.81 -6.94 25.58
C LYS E 25 -28.04 -5.64 25.73
N ASP E 26 -27.98 -5.10 26.95
CA ASP E 26 -27.28 -3.84 27.20
C ASP E 26 -25.77 -4.03 27.09
N HIS E 27 -25.11 -3.05 26.50
CA HIS E 27 -23.68 -3.09 26.21
C HIS E 27 -22.92 -2.19 27.17
N PRO E 28 -21.59 -2.24 27.08
CA PRO E 28 -20.73 -1.45 27.95
C PRO E 28 -20.50 -0.06 27.37
N ALA E 29 -20.00 -0.03 26.14
CA ALA E 29 -19.73 1.23 25.47
C ALA E 29 -21.03 1.86 25.02
N LEU E 30 -21.04 2.39 23.80
CA LEU E 30 -22.19 3.07 23.22
C LEU E 30 -22.76 4.15 24.15
N ASN E 31 -21.86 4.97 24.67
CA ASN E 31 -22.18 6.06 25.58
C ASN E 31 -20.92 6.91 25.72
N TYR E 32 -20.44 7.42 24.60
CA TYR E 32 -19.26 8.26 24.57
C TYR E 32 -19.46 9.50 25.44
N ASN E 33 -18.41 9.89 26.14
CA ASN E 33 -18.47 11.09 26.96
C ASN E 33 -18.37 12.25 26.00
N ILE E 34 -19.04 13.35 26.30
CA ILE E 34 -18.99 14.51 25.41
C ILE E 34 -18.26 15.67 26.04
N VAL E 35 -17.00 15.84 25.65
CA VAL E 35 -16.16 16.92 26.16
C VAL E 35 -16.42 18.21 25.40
N SER E 36 -16.76 19.27 26.11
CA SER E 36 -16.99 20.57 25.51
C SER E 36 -15.73 21.39 25.64
N GLY E 37 -15.22 21.88 24.51
CA GLY E 37 -13.95 22.58 24.49
C GLY E 37 -12.81 21.61 24.28
N PRO E 38 -11.59 22.04 24.57
CA PRO E 38 -10.44 21.14 24.43
C PRO E 38 -10.22 20.34 25.70
N PRO E 39 -9.66 19.12 25.58
CA PRO E 39 -9.34 18.31 26.78
C PRO E 39 -8.04 18.72 27.43
N SER E 40 -8.05 19.92 28.01
CA SER E 40 -6.87 20.47 28.66
C SER E 40 -6.81 20.08 30.13
N HIS E 41 -5.95 20.74 30.90
CA HIS E 41 -5.77 20.37 32.30
C HIS E 41 -7.07 20.45 33.07
N LYS E 42 -7.82 21.53 32.89
CA LYS E 42 -9.16 21.66 33.45
C LYS E 42 -10.13 21.46 32.30
N THR E 43 -10.90 20.39 32.35
CA THR E 43 -11.81 20.04 31.27
C THR E 43 -13.26 20.02 31.75
N VAL E 44 -14.17 20.13 30.80
CA VAL E 44 -15.61 20.03 31.05
C VAL E 44 -16.07 18.77 30.34
N VAL E 45 -16.47 17.77 31.11
CA VAL E 45 -16.91 16.50 30.55
C VAL E 45 -18.33 16.23 31.01
N ASN E 46 -19.24 16.02 30.06
CA ASN E 46 -20.63 15.72 30.33
C ASN E 46 -21.28 16.82 31.17
N GLY E 47 -20.89 18.06 30.87
CA GLY E 47 -21.46 19.23 31.52
C GLY E 47 -20.88 19.57 32.87
N LYS E 48 -19.90 18.78 33.33
CA LYS E 48 -19.30 19.04 34.64
C LYS E 48 -17.82 19.38 34.52
N GLU E 49 -17.36 20.26 35.39
CA GLU E 49 -15.97 20.69 35.40
C GLU E 49 -15.16 19.80 36.33
N CYS E 50 -13.98 19.38 35.86
CA CYS E 50 -13.21 18.33 36.54
C CYS E 50 -11.75 18.40 36.10
N ILE E 51 -10.90 17.74 36.89
CA ILE E 51 -9.46 17.69 36.63
C ILE E 51 -9.12 16.45 35.81
N ASN E 52 -8.36 16.65 34.74
CA ASN E 52 -8.12 15.57 33.80
C ASN E 52 -7.03 14.64 34.30
N PHE E 53 -7.40 13.37 34.49
CA PHE E 53 -6.45 12.30 34.78
C PHE E 53 -6.57 11.18 33.75
N ALA E 54 -6.91 11.51 32.51
CA ALA E 54 -7.25 10.51 31.53
C ALA E 54 -6.59 10.68 30.16
N SER E 55 -6.05 11.85 29.86
CA SER E 55 -5.45 12.10 28.56
C SER E 55 -3.97 11.80 28.58
N PHE E 56 -3.45 11.40 27.44
CA PHE E 56 -2.06 10.95 27.30
C PHE E 56 -1.14 12.06 26.84
N ASN E 57 -1.11 13.23 27.45
CA ASN E 57 -0.10 14.23 27.10
C ASN E 57 0.70 14.57 28.35
N PHE E 58 1.86 13.93 28.47
CA PHE E 58 2.62 13.94 29.71
C PHE E 58 3.43 15.20 29.89
N LEU E 59 3.60 15.99 28.84
CA LEU E 59 4.46 17.16 28.88
C LEU E 59 3.68 18.47 28.87
N GLY E 60 2.37 18.43 28.83
CA GLY E 60 1.55 19.63 28.81
C GLY E 60 1.81 20.49 27.60
N LEU E 61 2.12 19.86 26.48
CA LEU E 61 2.48 20.58 25.26
C LEU E 61 1.29 20.85 24.35
N LEU E 62 0.10 20.39 24.70
CA LEU E 62 -1.05 20.57 23.83
C LEU E 62 -1.44 22.03 23.74
N ASP E 63 -1.82 22.63 24.87
CA ASP E 63 -2.24 24.02 24.92
C ASP E 63 -1.09 24.95 25.25
N ASN E 64 0.13 24.62 24.84
CA ASN E 64 1.27 25.50 24.98
C ASN E 64 1.14 26.66 23.99
N PRO E 65 1.11 27.90 24.44
CA PRO E 65 0.87 29.01 23.50
C PRO E 65 1.93 29.12 22.41
N ARG E 66 3.13 28.64 22.72
CA ARG E 66 4.25 28.69 21.78
C ARG E 66 4.09 27.68 20.65
N VAL E 67 3.49 26.53 20.94
CA VAL E 67 3.29 25.51 19.93
C VAL E 67 2.25 25.94 18.90
N LYS E 68 1.21 26.66 19.30
CA LYS E 68 0.18 27.11 18.39
C LYS E 68 0.64 28.22 17.45
N ALA E 69 1.59 29.05 17.87
CA ALA E 69 2.10 30.06 16.95
C ALA E 69 2.80 29.44 15.76
N ALA E 70 3.61 28.40 16.02
CA ALA E 70 4.27 27.68 14.96
C ALA E 70 3.32 26.89 14.07
N ALA E 71 2.14 26.55 14.56
CA ALA E 71 1.15 25.87 13.74
C ALA E 71 0.34 26.83 12.90
N LEU E 72 -0.04 27.98 13.45
CA LEU E 72 -0.69 29.01 12.66
C LEU E 72 0.21 29.60 11.60
N ALA E 73 1.49 29.81 11.89
CA ALA E 73 2.40 30.33 10.88
C ALA E 73 2.61 29.35 9.73
N SER E 74 2.36 28.06 9.93
CA SER E 74 2.42 27.10 8.86
C SER E 74 1.09 26.88 8.18
N LEU E 75 -0.01 27.16 8.87
CA LEU E 75 -1.32 27.23 8.24
C LEU E 75 -1.45 28.42 7.32
N LYS E 76 -0.78 29.52 7.64
CA LYS E 76 -0.89 30.74 6.84
C LYS E 76 -0.14 30.72 5.51
N LYS E 77 0.61 29.68 5.22
CA LYS E 77 1.37 29.65 3.98
C LYS E 77 1.24 28.35 3.21
N TYR E 78 0.51 27.37 3.71
CA TYR E 78 0.43 26.08 3.05
C TYR E 78 -1.01 25.64 2.87
N GLY E 79 -1.88 26.15 3.73
CA GLY E 79 -3.23 25.62 3.82
C GLY E 79 -3.31 24.47 4.81
N VAL E 80 -4.35 23.67 4.65
CA VAL E 80 -4.65 22.62 5.61
C VAL E 80 -4.23 21.24 5.13
N GLY E 81 -4.40 20.91 3.85
CA GLY E 81 -4.18 19.54 3.42
C GLY E 81 -3.09 19.44 2.37
N THR E 82 -2.57 18.22 2.25
CA THR E 82 -1.67 17.82 1.18
C THR E 82 -2.50 17.00 0.22
N CYS E 83 -2.54 17.43 -1.04
CA CYS E 83 -3.48 16.82 -1.98
C CYS E 83 -2.82 15.68 -2.74
N GLY E 84 -2.22 14.76 -1.99
CA GLY E 84 -1.54 13.66 -2.62
C GLY E 84 -0.61 12.85 -1.74
N PRO E 85 -0.19 11.70 -2.25
CA PRO E 85 0.54 10.73 -1.45
C PRO E 85 2.05 10.75 -1.48
N ARG E 86 2.72 11.86 -1.23
CA ARG E 86 4.13 11.82 -0.83
C ARG E 86 5.07 11.23 -1.88
N GLY E 87 4.54 10.72 -2.97
CA GLY E 87 5.33 10.23 -4.08
C GLY E 87 4.83 10.87 -5.36
N PHE E 88 3.74 11.62 -5.24
CA PHE E 88 3.21 12.48 -6.31
C PHE E 88 3.00 13.86 -5.71
N TYR E 89 4.05 14.69 -5.66
CA TYR E 89 3.90 16.09 -5.25
C TYR E 89 3.21 16.22 -3.88
N GLY E 90 3.55 15.32 -2.97
CA GLY E 90 2.95 15.33 -1.65
C GLY E 90 3.95 15.56 -0.55
N THR E 91 5.22 15.67 -0.88
CA THR E 91 6.27 15.97 0.08
C THR E 91 6.57 17.47 0.06
N PHE E 92 6.63 18.07 1.24
CA PHE E 92 6.92 19.48 1.34
C PHE E 92 8.31 19.63 1.91
N ASP E 93 8.79 20.84 2.11
CA ASP E 93 10.05 21.01 2.83
C ASP E 93 9.90 20.82 4.33
N VAL E 94 8.69 21.01 4.87
CA VAL E 94 8.42 20.74 6.27
C VAL E 94 8.60 19.28 6.64
N HIS E 95 8.19 18.36 5.77
CA HIS E 95 8.35 16.93 6.02
C HIS E 95 9.81 16.51 6.12
N LEU E 96 10.64 16.95 5.19
CA LEU E 96 12.07 16.68 5.25
C LEU E 96 12.74 17.32 6.45
N ASP E 97 12.35 18.55 6.80
CA ASP E 97 12.89 19.17 8.01
C ASP E 97 12.53 18.38 9.26
N LEU E 98 11.29 17.91 9.39
CA LEU E 98 10.91 17.15 10.57
C LEU E 98 11.65 15.82 10.64
N GLU E 99 11.85 15.18 9.49
CA GLU E 99 12.55 13.91 9.44
C GLU E 99 13.99 14.10 9.92
N ASP E 100 14.64 15.15 9.46
CA ASP E 100 16.00 15.43 9.92
C ASP E 100 16.05 15.73 11.41
N ARG E 101 15.10 16.51 11.92
CA ARG E 101 15.11 16.85 13.35
C ARG E 101 14.89 15.63 14.22
N LEU E 102 13.99 14.72 13.82
CA LEU E 102 13.80 13.49 14.57
C LEU E 102 15.05 12.63 14.56
N ALA E 103 15.69 12.48 13.38
CA ALA E 103 16.89 11.65 13.30
C ALA E 103 18.01 12.20 14.15
N LYS E 104 18.12 13.50 14.24
CA LYS E 104 19.15 14.13 15.05
C LYS E 104 18.81 14.02 16.53
N PHE E 105 17.54 14.05 16.88
CA PHE E 105 17.17 13.92 18.28
C PHE E 105 17.43 12.53 18.81
N MET E 106 17.11 11.49 18.03
CA MET E 106 17.33 10.14 18.50
C MET E 106 18.78 9.69 18.36
N LYS E 107 19.65 10.54 17.84
CA LYS E 107 21.04 10.19 17.55
C LYS E 107 21.11 8.97 16.65
N THR E 108 20.20 8.90 15.69
CA THR E 108 20.10 7.77 14.78
C THR E 108 20.60 8.22 13.40
N GLU E 109 20.42 7.46 12.34
CA GLU E 109 20.98 7.75 11.04
C GLU E 109 19.92 8.27 10.07
N GLU E 110 18.69 7.77 10.23
CA GLU E 110 17.58 8.13 9.34
C GLU E 110 16.26 7.99 10.09
N ALA E 111 15.22 8.62 9.55
CA ALA E 111 13.89 8.55 10.13
C ALA E 111 12.85 8.58 9.02
N ILE E 112 11.65 8.06 9.31
CA ILE E 112 10.52 8.06 8.39
C ILE E 112 9.26 8.36 9.19
N ILE E 113 8.42 9.25 8.68
CA ILE E 113 7.20 9.64 9.37
C ILE E 113 5.98 9.15 8.61
N TYR E 114 4.99 8.66 9.34
CA TYR E 114 3.69 8.26 8.83
C TYR E 114 2.67 9.32 9.19
N SER E 115 1.48 9.24 8.61
CA SER E 115 0.43 10.22 8.85
C SER E 115 -0.61 9.73 9.84
N TYR E 116 -0.39 8.58 10.46
CA TYR E 116 -1.34 7.98 11.37
C TYR E 116 -0.57 7.13 12.35
N GLY E 117 -0.85 7.30 13.63
CA GLY E 117 -0.11 6.62 14.67
C GLY E 117 -0.25 5.12 14.71
N PHE E 118 -1.43 4.61 14.36
CA PHE E 118 -1.69 3.17 14.36
C PHE E 118 -1.03 2.45 13.19
N ALA E 119 -0.92 3.10 12.04
CA ALA E 119 -0.43 2.48 10.82
C ALA E 119 1.09 2.43 10.76
N THR E 120 1.77 2.96 11.76
CA THR E 120 3.22 2.97 11.75
C THR E 120 3.81 1.60 12.00
N ILE E 121 3.40 0.94 13.10
CA ILE E 121 3.91 -0.39 13.43
C ILE E 121 3.08 -1.48 12.80
N ALA E 122 1.91 -1.16 12.27
CA ALA E 122 1.11 -2.12 11.53
C ALA E 122 1.57 -2.29 10.09
N SER E 123 2.39 -1.37 9.59
CA SER E 123 2.94 -1.47 8.25
C SER E 123 4.41 -1.84 8.23
N ALA E 124 5.15 -1.53 9.28
CA ALA E 124 6.57 -1.81 9.35
C ALA E 124 6.88 -3.27 9.57
N ILE E 125 6.11 -3.97 10.41
CA ILE E 125 6.38 -5.39 10.63
C ILE E 125 6.21 -6.22 9.36
N PRO E 126 5.12 -6.11 8.60
CA PRO E 126 4.97 -6.98 7.43
C PRO E 126 5.83 -6.59 6.24
N ALA E 127 6.61 -5.51 6.34
CA ALA E 127 7.52 -5.10 5.29
C ALA E 127 8.88 -5.78 5.39
N TYR E 128 9.20 -6.37 6.54
CA TYR E 128 10.45 -7.10 6.75
C TYR E 128 10.22 -8.59 6.97
N SER E 129 9.16 -8.96 7.65
CA SER E 129 8.86 -10.34 7.99
C SER E 129 7.90 -10.91 6.96
N LYS E 130 8.19 -12.14 6.50
CA LYS E 130 7.43 -12.72 5.40
C LYS E 130 6.96 -14.12 5.78
N ARG E 131 6.33 -14.75 4.81
CA ARG E 131 5.72 -16.08 4.91
C ARG E 131 6.43 -17.22 5.62
N GLY E 132 7.75 -17.24 5.61
CA GLY E 132 8.46 -18.34 6.24
C GLY E 132 9.40 -18.00 7.38
N ASP E 133 9.01 -17.09 8.27
CA ASP E 133 9.90 -16.56 9.30
C ASP E 133 9.31 -16.78 10.68
N ILE E 134 10.16 -16.77 11.69
CA ILE E 134 9.76 -16.98 13.07
C ILE E 134 9.86 -15.66 13.83
N VAL E 135 8.79 -15.30 14.53
CA VAL E 135 8.74 -14.08 15.32
C VAL E 135 8.40 -14.47 16.76
N PHE E 136 9.18 -13.96 17.71
CA PHE E 136 8.97 -14.20 19.13
C PHE E 136 8.42 -12.93 19.75
N VAL E 137 7.18 -12.97 20.23
CA VAL E 137 6.46 -11.78 20.62
C VAL E 137 6.07 -11.90 22.08
N ASP E 138 6.22 -10.83 22.83
CA ASP E 138 5.83 -10.84 24.24
C ASP E 138 4.34 -11.01 24.37
N ARG E 139 3.91 -11.62 25.46
CA ARG E 139 2.49 -11.91 25.66
C ARG E 139 1.56 -10.73 25.91
N ALA E 140 2.11 -9.58 26.28
CA ALA E 140 1.30 -8.42 26.58
C ALA E 140 1.40 -7.32 25.55
N ALA E 141 1.64 -7.66 24.29
CA ALA E 141 1.80 -6.65 23.26
C ALA E 141 0.47 -5.95 22.98
N CYS E 142 0.56 -4.76 22.38
CA CYS E 142 -0.61 -3.96 22.09
C CYS E 142 -1.32 -4.48 20.84
N PHE E 143 -2.42 -3.82 20.46
CA PHE E 143 -3.23 -4.31 19.35
C PHE E 143 -2.59 -4.04 18.01
N ALA E 144 -1.91 -2.91 17.86
CA ALA E 144 -1.27 -2.59 16.59
C ALA E 144 -0.19 -3.59 16.23
N ILE E 145 0.55 -4.06 17.23
CA ILE E 145 1.54 -5.09 17.02
C ILE E 145 0.89 -6.39 16.57
N GLN E 146 -0.22 -6.77 17.19
CA GLN E 146 -0.92 -7.98 16.76
C GLN E 146 -1.43 -7.88 15.34
N LYS E 147 -1.96 -6.73 14.93
CA LYS E 147 -2.42 -6.59 13.56
C LYS E 147 -1.28 -6.60 12.56
N GLY E 148 -0.17 -5.95 12.87
CA GLY E 148 0.98 -6.03 12.00
C GLY E 148 1.52 -7.43 11.85
N LEU E 149 1.56 -8.19 12.95
CA LEU E 149 1.92 -9.59 12.91
C LEU E 149 0.95 -10.46 12.13
N GLN E 150 -0.35 -10.19 12.25
CA GLN E 150 -1.34 -10.91 11.48
C GLN E 150 -1.20 -10.67 9.99
N ALA E 151 -0.87 -9.43 9.60
CA ALA E 151 -0.72 -9.10 8.19
C ALA E 151 0.54 -9.66 7.57
N SER E 152 1.56 -10.00 8.35
CA SER E 152 2.75 -10.69 7.87
C SER E 152 2.54 -12.17 8.17
N ARG E 153 2.23 -12.94 7.13
CA ARG E 153 1.93 -14.36 7.32
C ARG E 153 3.08 -15.22 7.82
N SER E 154 3.65 -14.85 8.95
CA SER E 154 4.78 -15.57 9.51
C SER E 154 4.35 -16.38 10.73
N ASP E 155 5.32 -17.07 11.35
CA ASP E 155 5.05 -17.98 12.46
C ASP E 155 5.25 -17.25 13.77
N ILE E 156 4.20 -17.11 14.56
CA ILE E 156 4.23 -16.34 15.80
C ILE E 156 4.35 -17.31 16.97
N LYS E 157 5.31 -17.05 17.85
CA LYS E 157 5.57 -17.86 19.03
C LYS E 157 5.67 -16.92 20.22
N LEU E 158 4.59 -16.80 20.99
CA LEU E 158 4.51 -15.76 22.00
C LEU E 158 4.80 -16.30 23.40
N PHE E 159 5.69 -15.61 24.11
CA PHE E 159 6.26 -16.05 25.37
C PHE E 159 5.73 -15.25 26.54
N LYS E 160 5.85 -15.82 27.74
CA LYS E 160 5.38 -15.22 28.97
C LYS E 160 5.71 -13.74 29.03
N HIS E 161 5.31 -13.06 30.09
CA HIS E 161 5.57 -11.63 30.16
C HIS E 161 6.80 -11.31 30.99
N ASN E 162 7.82 -10.76 30.32
CA ASN E 162 9.02 -10.20 30.93
C ASN E 162 9.89 -11.25 31.62
N ASP E 163 9.87 -12.50 31.18
CA ASP E 163 10.77 -13.50 31.72
C ASP E 163 11.70 -14.03 30.62
N MET E 164 12.99 -14.03 30.91
CA MET E 164 13.99 -14.42 29.93
C MET E 164 14.19 -15.93 29.87
N ALA E 165 13.80 -16.65 30.92
CA ALA E 165 13.88 -18.10 30.91
C ALA E 165 12.95 -18.71 29.87
N ASP E 166 11.72 -18.24 29.74
CA ASP E 166 10.83 -18.74 28.72
C ASP E 166 11.27 -18.36 27.30
N LEU E 167 11.75 -17.15 27.09
CA LEU E 167 12.28 -16.79 25.78
C LEU E 167 13.47 -17.66 25.41
N GLU E 168 14.37 -17.92 26.37
CA GLU E 168 15.51 -18.77 26.09
C GLU E 168 15.10 -20.21 25.83
N ARG E 169 14.13 -20.73 26.58
CA ARG E 169 13.60 -22.05 26.30
C ARG E 169 12.96 -22.13 24.92
N LEU E 170 12.35 -21.05 24.46
CA LEU E 170 11.77 -21.03 23.12
C LEU E 170 12.82 -20.95 22.03
N LEU E 171 13.94 -20.27 22.29
CA LEU E 171 15.00 -20.18 21.29
C LEU E 171 15.82 -21.47 21.18
N LYS E 172 16.04 -22.13 22.31
CA LYS E 172 16.79 -23.37 22.32
C LYS E 172 16.07 -24.49 21.59
N GLU E 173 14.75 -24.42 21.57
CA GLU E 173 13.93 -25.41 20.88
C GLU E 173 14.04 -25.21 19.37
N GLN E 174 14.24 -23.97 18.95
CA GLN E 174 14.38 -23.63 17.54
C GLN E 174 15.74 -24.07 17.02
N GLU E 175 16.73 -24.12 17.92
CA GLU E 175 18.08 -24.52 17.56
C GLU E 175 18.16 -26.02 17.28
N ILE E 176 17.28 -26.79 17.92
CA ILE E 176 17.23 -28.23 17.73
C ILE E 176 16.61 -28.58 16.38
N GLU E 177 15.78 -27.70 15.86
CA GLU E 177 15.15 -27.89 14.55
C GLU E 177 16.06 -27.38 13.43
N ASP E 178 17.10 -26.65 13.82
CA ASP E 178 18.08 -26.12 12.89
C ASP E 178 19.13 -27.19 12.60
N GLN E 179 19.24 -28.15 13.52
CA GLN E 179 20.17 -29.26 13.38
C GLN E 179 19.50 -30.45 12.72
N LYS E 180 18.22 -30.33 12.42
CA LYS E 180 17.48 -31.40 11.78
C LYS E 180 17.28 -31.13 10.31
N ASN E 181 17.54 -29.89 9.91
CA ASN E 181 17.39 -29.47 8.51
C ASN E 181 18.14 -28.16 8.31
N PRO E 182 19.47 -28.23 8.17
CA PRO E 182 20.34 -27.06 8.01
C PRO E 182 20.20 -26.29 6.69
N ARG E 183 19.52 -26.85 5.70
CA ARG E 183 19.36 -26.15 4.43
C ARG E 183 18.29 -25.06 4.54
N LYS E 184 17.22 -25.37 5.26
CA LYS E 184 16.12 -24.43 5.46
C LYS E 184 16.44 -23.40 6.53
N ALA E 185 17.31 -23.70 7.48
CA ALA E 185 17.63 -22.76 8.53
C ALA E 185 18.48 -21.60 8.05
N ARG E 186 19.01 -21.69 6.84
CA ARG E 186 19.86 -20.62 6.30
C ARG E 186 19.12 -19.65 5.40
N VAL E 187 17.80 -19.77 5.34
CA VAL E 187 16.97 -18.83 4.58
C VAL E 187 15.85 -18.32 5.46
N THR E 188 15.89 -18.63 6.75
CA THR E 188 14.83 -18.29 7.69
C THR E 188 15.31 -17.20 8.62
N ARG E 189 14.51 -16.14 8.75
CA ARG E 189 14.85 -15.00 9.60
C ARG E 189 14.15 -15.09 10.95
N ARG E 190 14.79 -14.52 11.97
CA ARG E 190 14.26 -14.55 13.33
C ARG E 190 14.18 -13.14 13.88
N PHE E 191 12.99 -12.74 14.32
CA PHE E 191 12.76 -11.43 14.90
C PHE E 191 12.20 -11.58 16.30
N ILE E 192 12.66 -10.72 17.20
CA ILE E 192 12.12 -10.59 18.54
C ILE E 192 11.43 -9.24 18.61
N VAL E 193 10.14 -9.24 18.94
CA VAL E 193 9.35 -8.01 18.97
C VAL E 193 9.01 -7.70 20.42
N VAL E 194 9.52 -6.58 20.92
CA VAL E 194 9.35 -6.23 22.32
C VAL E 194 8.90 -4.78 22.38
N GLU E 195 8.53 -4.30 23.57
CA GLU E 195 7.85 -3.00 23.68
C GLU E 195 8.33 -2.35 24.98
N GLY E 196 9.18 -1.35 24.87
CA GLY E 196 9.63 -0.67 26.06
C GLY E 196 8.50 0.07 26.75
N LEU E 197 8.31 -0.18 28.03
CA LEU E 197 7.22 0.40 28.81
C LEU E 197 5.84 0.01 28.27
N TYR E 198 5.44 -1.23 28.51
CA TYR E 198 4.17 -1.77 28.04
C TYR E 198 2.98 -0.94 28.49
N MET E 199 1.99 -0.83 27.61
CA MET E 199 0.78 -0.08 27.88
C MET E 199 -0.30 -0.90 28.57
N ASN E 200 -0.45 -2.17 28.20
CA ASN E 200 -1.49 -2.99 28.77
C ASN E 200 -1.17 -3.39 30.20
N THR E 201 0.08 -3.25 30.64
CA THR E 201 0.48 -3.69 31.97
C THR E 201 1.17 -2.63 32.80
N GLY E 202 1.76 -1.61 32.19
CA GLY E 202 2.46 -0.59 32.95
C GLY E 202 3.87 -0.95 33.38
N THR E 203 4.45 -2.01 32.84
CA THR E 203 5.77 -2.49 33.22
C THR E 203 6.80 -2.07 32.18
N ILE E 204 8.06 -2.44 32.41
CA ILE E 204 9.19 -2.02 31.59
C ILE E 204 10.02 -3.25 31.25
N CYS E 205 10.44 -3.36 29.97
CA CYS E 205 11.11 -4.58 29.51
C CYS E 205 12.59 -4.62 29.93
N PRO E 206 13.09 -5.82 30.28
CA PRO E 206 14.51 -5.95 30.62
C PRO E 206 15.41 -6.03 29.40
N LEU E 207 16.07 -4.94 29.07
CA LEU E 207 16.73 -4.82 27.78
C LEU E 207 18.14 -5.39 27.75
N PRO E 208 18.97 -5.23 28.79
CA PRO E 208 20.34 -5.76 28.70
C PRO E 208 20.45 -7.26 28.50
N GLU E 209 19.53 -8.07 29.05
CA GLU E 209 19.55 -9.51 28.77
C GLU E 209 18.99 -9.83 27.40
N LEU E 210 18.00 -9.08 26.95
CA LEU E 210 17.46 -9.27 25.62
C LEU E 210 18.49 -8.93 24.56
N VAL E 211 19.40 -8.00 24.85
CA VAL E 211 20.49 -7.73 23.91
C VAL E 211 21.50 -8.87 23.87
N LYS E 212 21.81 -9.45 25.02
CA LYS E 212 22.73 -10.58 25.09
C LYS E 212 22.19 -11.77 24.34
N LEU E 213 20.89 -12.03 24.45
CA LEU E 213 20.28 -13.12 23.72
C LEU E 213 20.30 -12.90 22.22
N LYS E 214 20.31 -11.64 21.77
CA LYS E 214 20.30 -11.34 20.34
C LYS E 214 21.53 -11.86 19.64
N TYR E 215 22.70 -11.62 20.22
CA TYR E 215 23.96 -12.03 19.63
C TYR E 215 24.29 -13.49 19.89
N LYS E 216 23.62 -14.13 20.85
CA LYS E 216 23.83 -15.54 21.11
C LYS E 216 22.96 -16.43 20.26
N TYR E 217 21.73 -16.02 19.93
CA TYR E 217 20.88 -16.83 19.09
C TYR E 217 20.57 -16.20 17.74
N LYS E 218 21.23 -15.08 17.44
CA LYS E 218 21.10 -14.41 16.15
C LYS E 218 19.69 -14.11 15.69
N ALA E 219 19.04 -13.21 16.41
CA ALA E 219 17.70 -12.75 16.12
C ALA E 219 17.62 -11.25 16.32
N ARG E 220 17.09 -10.53 15.32
CA ARG E 220 17.00 -9.08 15.35
C ARG E 220 15.90 -8.62 16.30
N ILE E 221 16.01 -7.39 16.79
CA ILE E 221 15.09 -6.82 17.77
C ILE E 221 14.28 -5.71 17.11
N PHE E 222 13.01 -5.61 17.47
CA PHE E 222 12.12 -4.54 17.00
C PHE E 222 11.53 -3.88 18.23
N LEU E 223 12.08 -2.75 18.65
CA LEU E 223 11.58 -2.05 19.82
C LEU E 223 10.43 -1.14 19.41
N GLU E 224 9.40 -1.08 20.24
CA GLU E 224 8.18 -0.33 19.96
C GLU E 224 7.86 0.53 21.16
N GLU E 225 8.45 1.72 21.23
CA GLU E 225 8.36 2.52 22.45
C GLU E 225 7.64 3.84 22.17
N SER E 226 6.32 3.76 22.14
CA SER E 226 5.46 4.92 21.95
C SER E 226 4.89 5.43 23.26
N LEU E 227 5.36 4.93 24.39
CA LEU E 227 4.92 5.43 25.68
C LEU E 227 6.10 5.72 26.59
N SER E 228 7.32 5.46 26.15
CA SER E 228 8.52 5.88 26.84
C SER E 228 9.33 6.93 26.08
N PHE E 229 8.89 7.31 24.88
CA PHE E 229 9.58 8.34 24.11
C PHE E 229 9.21 9.70 24.66
N GLY E 230 10.20 10.46 25.12
CA GLY E 230 9.92 11.71 25.78
C GLY E 230 9.45 11.58 27.21
N VAL E 231 9.62 10.42 27.82
CA VAL E 231 9.22 10.20 29.21
C VAL E 231 10.43 9.70 29.98
N LEU E 232 10.99 8.59 29.52
CA LEU E 232 12.13 7.96 30.17
C LEU E 232 13.48 8.52 29.75
N GLY E 233 14.50 8.24 30.54
CA GLY E 233 15.84 8.74 30.26
C GLY E 233 16.04 10.12 30.87
N GLU E 234 17.24 10.65 30.73
CA GLU E 234 17.51 11.97 31.26
C GLU E 234 17.50 13.01 30.15
N HIS E 235 16.92 12.63 29.01
CA HIS E 235 16.82 13.50 27.85
C HIS E 235 15.55 13.20 27.08
N GLY E 236 14.82 12.17 27.49
CA GLY E 236 13.58 11.80 26.84
C GLY E 236 13.82 11.02 25.57
N ARG E 237 14.90 10.25 25.55
CA ARG E 237 15.24 9.46 24.37
C ARG E 237 14.69 8.05 24.43
N GLY E 238 13.84 7.77 25.41
CA GLY E 238 13.26 6.45 25.55
C GLY E 238 13.91 5.58 26.60
N VAL E 239 13.85 4.27 26.39
CA VAL E 239 14.41 3.32 27.34
C VAL E 239 15.88 2.99 27.08
N THR E 240 16.32 3.07 25.84
CA THR E 240 17.71 2.78 25.51
C THR E 240 18.66 3.71 26.26
N GLU E 241 18.26 4.96 26.43
CA GLU E 241 19.03 5.89 27.23
C GLU E 241 18.90 5.64 28.72
N HIS E 242 17.74 5.11 29.15
CA HIS E 242 17.54 4.76 30.54
C HIS E 242 18.51 3.67 30.98
N TYR E 243 18.70 2.65 30.13
CA TYR E 243 19.58 1.55 30.49
C TYR E 243 21.04 1.80 30.14
N GLY E 244 21.33 2.78 29.29
CA GLY E 244 22.69 3.02 28.84
C GLY E 244 23.17 2.04 27.78
N ILE E 245 22.30 1.71 26.83
CA ILE E 245 22.58 0.73 25.80
C ILE E 245 22.86 1.45 24.49
N ASN E 246 23.89 1.00 23.78
CA ASN E 246 24.20 1.54 22.46
C ASN E 246 23.03 1.36 21.52
N ILE E 247 22.62 2.45 20.86
CA ILE E 247 21.39 2.45 20.08
C ILE E 247 21.53 1.72 18.75
N ASP E 248 22.75 1.28 18.43
CA ASP E 248 22.99 0.57 17.18
C ASP E 248 22.70 -0.92 17.34
N ASP E 249 22.22 -1.31 18.52
CA ASP E 249 21.92 -2.71 18.79
C ASP E 249 20.45 -3.03 18.67
N ILE E 250 19.61 -2.01 18.56
CA ILE E 250 18.17 -2.23 18.52
C ILE E 250 17.49 -2.24 17.15
N ASP E 251 18.24 -2.48 16.09
CA ASP E 251 17.67 -2.55 14.74
C ASP E 251 16.69 -1.45 14.36
N LEU E 252 15.42 -1.63 14.70
CA LEU E 252 14.38 -0.66 14.40
C LEU E 252 13.67 -0.18 15.66
N ILE E 253 13.31 1.11 15.68
CA ILE E 253 12.62 1.73 16.80
C ILE E 253 11.40 2.45 16.26
N SER E 254 10.25 2.31 16.94
CA SER E 254 9.02 2.96 16.50
C SER E 254 8.35 3.73 17.62
N ALA E 255 7.60 4.76 17.26
CA ALA E 255 6.87 5.58 18.23
C ALA E 255 5.79 6.33 17.47
N ASN E 256 4.91 6.98 18.22
CA ASN E 256 3.91 7.83 17.61
C ASN E 256 4.09 9.25 18.13
N MET E 257 3.58 10.21 17.36
CA MET E 257 3.75 11.62 17.67
C MET E 257 2.49 12.19 18.31
N GLU E 258 1.79 11.36 19.06
CA GLU E 258 0.48 11.67 19.58
C GLU E 258 0.39 11.80 21.08
N ASN E 259 1.32 11.24 21.85
CA ASN E 259 1.23 11.35 23.29
C ASN E 259 2.08 12.48 23.86
N ALA E 260 3.40 12.36 23.82
CA ALA E 260 4.23 13.38 24.44
C ALA E 260 4.55 14.52 23.49
N LEU E 261 4.35 14.31 22.18
CA LEU E 261 4.44 15.41 21.23
C LEU E 261 3.10 16.10 21.00
N ALA E 262 1.99 15.47 21.38
CA ALA E 262 0.65 16.05 21.35
C ALA E 262 0.25 16.49 19.95
N SER E 263 0.38 15.55 19.01
CA SER E 263 0.17 15.84 17.60
C SER E 263 -0.40 14.60 16.92
N ILE E 264 -0.19 14.45 15.61
CA ILE E 264 -0.71 13.32 14.87
C ILE E 264 0.43 12.62 14.14
N GLY E 265 0.43 11.29 14.15
CA GLY E 265 1.31 10.51 13.30
C GLY E 265 2.26 9.65 14.10
N GLY E 266 3.08 8.90 13.36
CA GLY E 266 4.12 8.10 13.97
C GLY E 266 5.40 8.16 13.16
N PHE E 267 6.46 7.59 13.72
CA PHE E 267 7.74 7.60 13.03
C PHE E 267 8.54 6.37 13.42
N CYS E 268 9.40 5.94 12.50
CA CYS E 268 10.38 4.88 12.71
C CYS E 268 11.77 5.46 12.52
N CYS E 269 12.71 5.07 13.36
CA CYS E 269 14.07 5.59 13.27
C CYS E 269 15.06 4.44 13.37
N GLY E 270 16.09 4.46 12.55
CA GLY E 270 17.06 3.38 12.50
C GLY E 270 18.22 3.70 11.60
N ARG E 271 18.97 2.68 11.20
CA ARG E 271 20.04 2.86 10.23
C ARG E 271 19.45 3.02 8.84
N SER E 272 20.22 3.68 7.98
CA SER E 272 19.77 3.90 6.61
C SER E 272 19.60 2.59 5.85
N PHE E 273 20.24 1.53 6.31
CA PHE E 273 20.10 0.23 5.67
C PHE E 273 18.70 -0.35 5.85
N VAL E 274 18.08 -0.11 7.00
CA VAL E 274 16.77 -0.67 7.27
C VAL E 274 15.64 0.33 7.06
N ILE E 275 15.88 1.63 7.24
CA ILE E 275 14.81 2.61 7.13
C ILE E 275 14.52 2.98 5.68
N ASP E 276 15.47 2.80 4.78
CA ASP E 276 15.25 3.09 3.38
C ASP E 276 14.34 2.08 2.70
N HIS E 277 14.16 0.90 3.30
CA HIS E 277 13.33 -0.11 2.68
C HIS E 277 11.85 0.20 2.79
N GLN E 278 11.41 0.91 3.82
CA GLN E 278 9.99 1.15 4.02
C GLN E 278 9.42 2.21 3.11
N ARG E 279 10.26 2.95 2.40
CA ARG E 279 9.75 4.02 1.56
C ARG E 279 9.15 3.51 0.27
N LEU E 280 9.39 2.25 -0.08
CA LEU E 280 8.77 1.63 -1.24
C LEU E 280 7.94 0.41 -0.87
N SER E 281 7.86 0.06 0.41
CA SER E 281 7.23 -1.19 0.80
C SER E 281 6.14 -1.01 1.85
N GLY E 282 6.22 0.04 2.66
CA GLY E 282 5.19 0.29 3.65
C GLY E 282 3.87 0.59 2.98
N GLN E 283 2.81 -0.11 3.39
CA GLN E 283 1.52 0.07 2.74
C GLN E 283 0.94 1.45 3.02
N GLY E 284 1.01 1.89 4.27
CA GLY E 284 0.45 3.15 4.67
C GLY E 284 1.30 4.36 4.40
N TYR E 285 2.53 4.17 3.91
CA TYR E 285 3.35 5.27 3.44
C TYR E 285 3.24 5.50 1.95
N CYS E 286 2.92 4.46 1.18
CA CYS E 286 2.91 4.54 -0.27
C CYS E 286 1.54 4.79 -0.86
N PHE E 287 0.46 4.46 -0.15
CA PHE E 287 -0.88 4.59 -0.68
C PHE E 287 -1.75 5.45 0.23
N SER E 288 -1.20 6.49 0.81
CA SER E 288 -1.99 7.39 1.61
C SER E 288 -1.43 8.79 1.48
N ALA E 289 -2.31 9.78 1.64
CA ALA E 289 -1.88 11.16 1.66
C ALA E 289 -0.97 11.42 2.84
N SER E 290 -0.02 12.32 2.65
CA SER E 290 0.96 12.61 3.68
C SER E 290 0.40 13.59 4.71
N LEU E 291 1.18 13.82 5.75
CA LEU E 291 0.70 14.52 6.93
C LEU E 291 0.44 16.00 6.62
N PRO E 292 -0.64 16.59 7.12
CA PRO E 292 -0.87 18.02 6.90
C PRO E 292 0.27 18.84 7.47
N PRO E 293 0.76 19.82 6.71
CA PRO E 293 1.96 20.56 7.14
C PRO E 293 1.81 21.31 8.46
N LEU E 294 0.61 21.76 8.83
CA LEU E 294 0.47 22.45 10.10
C LEU E 294 0.66 21.51 11.29
N LEU E 295 0.44 20.22 11.10
CA LEU E 295 0.65 19.22 12.13
C LEU E 295 2.11 18.82 12.26
N ALA E 296 2.84 18.82 11.16
CA ALA E 296 4.28 18.61 11.18
C ALA E 296 5.02 19.83 11.70
N ALA E 297 4.45 21.01 11.58
CA ALA E 297 5.05 22.20 12.15
C ALA E 297 4.90 22.30 13.65
N ALA E 298 3.90 21.62 14.23
CA ALA E 298 3.75 21.55 15.67
C ALA E 298 4.73 20.60 16.34
N ALA E 299 5.04 19.48 15.69
CA ALA E 299 6.02 18.55 16.24
C ALA E 299 7.42 19.14 16.31
N ILE E 300 7.83 19.91 15.31
CA ILE E 300 9.14 20.55 15.35
C ILE E 300 9.21 21.54 16.50
N GLU E 301 8.16 22.33 16.71
CA GLU E 301 8.15 23.27 17.81
C GLU E 301 8.15 22.57 19.17
N ALA E 302 7.42 21.47 19.30
CA ALA E 302 7.49 20.69 20.53
C ALA E 302 8.88 20.10 20.76
N LEU E 303 9.52 19.64 19.70
CA LEU E 303 10.84 19.02 19.77
C LEU E 303 11.92 20.04 20.09
N ASN E 304 11.70 21.30 19.73
CA ASN E 304 12.57 22.39 20.18
C ASN E 304 12.51 22.57 21.69
N ILE E 305 11.31 22.60 22.26
CA ILE E 305 11.13 22.75 23.69
C ILE E 305 11.68 21.55 24.44
N MET E 306 11.55 20.35 23.88
CA MET E 306 12.07 19.17 24.56
C MET E 306 13.58 19.24 24.73
N GLU E 307 14.29 19.88 23.79
CA GLU E 307 15.74 19.98 23.86
C GLU E 307 16.22 21.20 24.64
N GLU E 308 15.48 22.31 24.57
CA GLU E 308 15.89 23.51 25.29
C GLU E 308 15.94 23.28 26.79
N ASN E 309 14.89 22.66 27.34
CA ASN E 309 14.77 22.47 28.79
C ASN E 309 14.71 20.98 29.11
N PRO E 310 15.81 20.35 29.47
CA PRO E 310 15.80 18.90 29.76
C PRO E 310 15.41 18.56 31.18
N GLY E 311 15.18 19.54 32.04
CA GLY E 311 14.77 19.31 33.40
C GLY E 311 13.29 19.07 33.54
N ILE E 312 12.54 19.07 32.43
CA ILE E 312 11.12 18.74 32.45
C ILE E 312 10.88 17.25 32.60
N PHE E 313 11.88 16.42 32.31
CA PHE E 313 11.72 14.97 32.45
C PHE E 313 11.91 14.51 33.88
N ALA E 314 12.76 15.19 34.64
CA ALA E 314 12.88 14.91 36.07
C ALA E 314 11.63 15.29 36.84
N VAL E 315 10.98 16.39 36.47
CA VAL E 315 9.71 16.77 37.09
C VAL E 315 8.64 15.73 36.88
N LEU E 316 8.53 15.16 35.69
CA LEU E 316 7.51 14.18 35.39
C LEU E 316 7.65 12.91 36.21
N LYS E 317 8.88 12.53 36.51
CA LYS E 317 9.17 11.31 37.27
C LYS E 317 9.13 11.54 38.77
N GLU E 318 9.45 12.74 39.22
CA GLU E 318 9.38 13.03 40.64
C GLU E 318 7.95 12.96 41.15
N LYS E 319 7.00 13.48 40.39
CA LYS E 319 5.60 13.44 40.75
C LYS E 319 4.89 12.23 40.17
N CYS E 320 5.63 11.34 39.52
CA CYS E 320 5.08 10.07 39.06
C CYS E 320 5.09 9.02 40.14
N GLY E 321 6.14 8.98 40.96
CA GLY E 321 6.22 8.11 42.10
C GLY E 321 5.57 8.63 43.34
N GLN E 322 4.90 9.77 43.22
CA GLN E 322 4.19 10.38 44.34
C GLN E 322 2.78 9.78 44.44
N ILE E 323 2.06 9.77 43.34
CA ILE E 323 0.72 9.18 43.32
C ILE E 323 0.76 7.67 43.27
N HIS E 324 1.90 7.07 42.90
CA HIS E 324 2.06 5.63 43.00
C HIS E 324 2.30 5.17 44.43
N LYS E 325 2.74 6.07 45.30
CA LYS E 325 2.86 5.76 46.72
C LYS E 325 1.67 6.24 47.54
N ALA E 326 0.95 7.23 47.07
CA ALA E 326 -0.22 7.72 47.78
C ALA E 326 -1.46 6.88 47.55
N LEU E 327 -1.39 5.84 46.72
CA LEU E 327 -2.54 4.99 46.45
C LEU E 327 -2.47 3.64 47.14
N GLN E 328 -1.31 3.21 47.60
CA GLN E 328 -1.18 1.90 48.22
C GLN E 328 -1.90 1.86 49.56
N GLY E 329 -2.89 0.98 49.68
CA GLY E 329 -3.63 0.88 50.92
C GLY E 329 -5.13 0.77 50.72
N ILE E 330 -5.62 1.07 49.52
CA ILE E 330 -7.03 0.91 49.25
C ILE E 330 -7.39 -0.56 49.34
N SER E 331 -8.53 -0.86 49.94
CA SER E 331 -9.02 -2.22 50.09
C SER E 331 -9.97 -2.53 48.95
N GLY E 332 -9.66 -3.58 48.18
CA GLY E 332 -10.44 -3.95 47.03
C GLY E 332 -9.85 -3.48 45.71
N LEU E 333 -8.84 -2.61 45.75
CA LEU E 333 -8.17 -2.12 44.55
C LEU E 333 -6.67 -2.35 44.69
N LYS E 334 -6.05 -2.90 43.66
CA LYS E 334 -4.61 -3.12 43.64
C LYS E 334 -3.98 -2.34 42.49
N VAL E 335 -2.73 -1.95 42.67
CA VAL E 335 -2.02 -1.13 41.71
C VAL E 335 -1.13 -2.02 40.85
N VAL E 336 -1.24 -1.86 39.54
CA VAL E 336 -0.46 -2.67 38.60
C VAL E 336 0.44 -1.74 37.79
N GLY E 337 1.71 -1.64 38.17
CA GLY E 337 2.61 -0.84 37.36
C GLY E 337 3.86 -0.49 38.13
N GLU E 338 4.81 0.09 37.41
CA GLU E 338 6.08 0.50 37.99
C GLU E 338 6.00 1.90 38.56
N SER E 339 6.95 2.23 39.42
CA SER E 339 7.05 3.56 40.01
C SER E 339 7.51 4.62 39.04
N LEU E 340 7.98 4.21 37.85
CA LEU E 340 8.52 5.12 36.84
C LEU E 340 7.56 5.32 35.68
N SER E 341 6.39 4.71 35.70
CA SER E 341 5.46 4.73 34.59
C SER E 341 4.40 5.80 34.78
N PRO E 342 4.22 6.71 33.83
CA PRO E 342 3.19 7.74 33.97
C PRO E 342 1.77 7.27 33.66
N ALA E 343 1.56 6.01 33.28
CA ALA E 343 0.20 5.52 32.97
C ALA E 343 0.11 4.07 33.41
N PHE E 344 -0.42 3.85 34.61
CA PHE E 344 -0.60 2.52 35.17
C PHE E 344 -2.08 2.24 35.42
N HIS E 345 -2.36 1.13 36.10
CA HIS E 345 -3.72 0.62 36.25
C HIS E 345 -4.10 0.46 37.71
N LEU E 346 -5.41 0.43 37.95
CA LEU E 346 -6.02 0.03 39.21
C LEU E 346 -6.96 -1.12 38.89
N GLN E 347 -6.47 -2.33 39.02
CA GLN E 347 -7.31 -3.49 38.75
C GLN E 347 -8.08 -3.91 39.99
N LEU E 348 -9.16 -4.64 39.75
CA LEU E 348 -10.05 -5.09 40.81
C LEU E 348 -9.47 -6.32 41.49
N GLU E 349 -9.30 -6.24 42.80
CA GLU E 349 -8.76 -7.34 43.59
C GLU E 349 -9.78 -8.46 43.72
N GLU E 350 -9.34 -9.68 43.44
CA GLU E 350 -10.19 -10.88 43.50
C GLU E 350 -11.59 -10.74 42.89
N SER E 351 -11.63 -10.72 41.57
CA SER E 351 -12.88 -10.59 40.81
C SER E 351 -13.94 -11.62 41.15
N THR E 352 -15.19 -11.20 41.06
CA THR E 352 -16.33 -12.07 41.36
C THR E 352 -16.26 -13.39 40.58
N GLY E 353 -16.17 -13.30 39.26
CA GLY E 353 -16.10 -14.47 38.42
C GLY E 353 -16.75 -14.23 37.07
N SER E 354 -17.38 -13.07 36.94
CA SER E 354 -18.05 -12.70 35.70
C SER E 354 -17.57 -11.32 35.26
N ARG E 355 -16.85 -11.27 34.15
CA ARG E 355 -16.33 -10.02 33.63
C ARG E 355 -17.38 -8.91 33.53
N GLU E 356 -18.52 -9.23 32.92
CA GLU E 356 -19.59 -8.25 32.76
C GLU E 356 -19.99 -7.60 34.07
N GLN E 357 -19.76 -8.30 35.17
CA GLN E 357 -20.09 -7.79 36.50
C GLN E 357 -18.98 -6.95 37.11
N ASP E 358 -17.77 -7.01 36.54
CA ASP E 358 -16.66 -6.16 36.94
C ASP E 358 -16.57 -4.88 36.13
N VAL E 359 -16.84 -4.96 34.82
CA VAL E 359 -16.95 -3.75 34.02
C VAL E 359 -18.10 -2.89 34.50
N ARG E 360 -19.20 -3.50 34.92
CA ARG E 360 -20.32 -2.79 35.50
C ARG E 360 -20.01 -2.24 36.89
N LEU E 361 -19.11 -2.87 37.62
CA LEU E 361 -18.78 -2.40 38.96
C LEU E 361 -17.80 -1.25 38.94
N LEU E 362 -16.75 -1.32 38.12
CA LEU E 362 -15.76 -0.24 38.05
C LEU E 362 -16.34 1.05 37.51
N GLN E 363 -17.39 0.96 36.71
CA GLN E 363 -18.03 2.15 36.19
C GLN E 363 -18.74 2.95 37.27
N GLU E 364 -19.07 2.30 38.38
CA GLU E 364 -19.70 2.96 39.51
C GLU E 364 -18.65 3.86 40.17
N ILE E 365 -17.44 3.34 40.35
CA ILE E 365 -16.35 4.12 40.90
C ILE E 365 -16.01 5.29 39.98
N VAL E 366 -15.94 5.04 38.67
CA VAL E 366 -15.60 6.12 37.75
C VAL E 366 -16.67 7.21 37.76
N ASP E 367 -17.93 6.83 37.61
CA ASP E 367 -19.04 7.76 37.55
C ASP E 367 -19.26 8.52 38.85
N GLN E 368 -18.83 7.96 39.97
CA GLN E 368 -19.01 8.65 41.23
C GLN E 368 -17.79 9.47 41.63
N CYS E 369 -16.60 9.14 41.10
CA CYS E 369 -15.46 10.04 41.22
C CYS E 369 -15.60 11.27 40.33
N MET E 370 -16.22 11.13 39.17
CA MET E 370 -16.33 12.25 38.25
C MET E 370 -17.28 13.33 38.75
N ASN E 371 -18.14 13.02 39.72
CA ASN E 371 -18.98 14.02 40.37
C ASN E 371 -18.23 14.79 41.45
N ARG E 372 -16.98 14.43 41.73
CA ARG E 372 -16.13 15.16 42.66
C ARG E 372 -14.99 15.84 41.92
N SER E 373 -15.19 16.08 40.62
CA SER E 373 -14.27 16.83 39.78
C SER E 373 -12.91 16.15 39.66
N ILE E 374 -12.93 14.87 39.34
CA ILE E 374 -11.74 14.08 39.04
C ILE E 374 -12.06 13.13 37.90
N ALA E 375 -11.59 13.45 36.69
CA ALA E 375 -11.97 12.69 35.51
C ALA E 375 -11.05 11.50 35.32
N LEU E 376 -11.63 10.31 35.23
CA LEU E 376 -10.91 9.07 35.04
C LEU E 376 -11.52 8.33 33.86
N THR E 377 -10.82 7.33 33.38
CA THR E 377 -11.32 6.52 32.28
C THR E 377 -11.06 5.06 32.56
N GLN E 378 -11.69 4.22 31.76
CA GLN E 378 -11.57 2.78 31.87
C GLN E 378 -10.91 2.26 30.60
N ALA E 379 -10.08 1.24 30.73
CA ALA E 379 -9.44 0.65 29.57
C ALA E 379 -10.44 -0.11 28.72
N ARG E 380 -10.36 0.10 27.41
CA ARG E 380 -11.27 -0.52 26.47
C ARG E 380 -10.57 -1.50 25.56
N TYR E 381 -11.19 -2.66 25.35
CA TYR E 381 -10.63 -3.70 24.51
C TYR E 381 -11.71 -4.21 23.57
N LEU E 382 -11.29 -5.04 22.62
CA LEU E 382 -12.20 -5.68 21.69
C LEU E 382 -12.20 -7.14 22.10
N GLU E 383 -12.98 -7.45 23.14
CA GLU E 383 -13.09 -8.78 23.74
C GLU E 383 -12.92 -10.01 22.85
N LYS E 384 -13.58 -10.05 21.71
CA LYS E 384 -13.48 -11.20 20.82
C LYS E 384 -12.26 -11.13 19.90
N GLU E 385 -11.57 -10.00 19.90
CA GLU E 385 -10.41 -9.82 19.05
C GLU E 385 -9.17 -9.44 19.83
N GLU E 386 -8.62 -10.39 20.59
CA GLU E 386 -7.43 -10.15 21.37
C GLU E 386 -6.80 -11.47 21.73
N LYS E 387 -5.48 -11.53 21.68
CA LYS E 387 -4.75 -12.76 22.00
C LYS E 387 -4.83 -13.05 23.50
N CYS E 388 -4.36 -12.11 24.31
CA CYS E 388 -4.38 -12.26 25.76
C CYS E 388 -5.11 -11.10 26.42
N LEU E 389 -6.43 -11.13 26.38
CA LEU E 389 -7.26 -10.09 26.97
C LEU E 389 -6.90 -9.80 28.43
N PRO E 390 -6.61 -8.52 28.76
CA PRO E 390 -6.29 -8.16 30.12
C PRO E 390 -7.55 -8.00 30.95
N PRO E 391 -7.44 -7.97 32.27
CA PRO E 391 -8.60 -7.75 33.12
C PRO E 391 -9.13 -6.34 32.96
N PRO E 392 -10.36 -6.07 33.42
CA PRO E 392 -10.84 -4.69 33.47
C PRO E 392 -10.00 -3.87 34.43
N SER E 393 -9.93 -2.56 34.19
CA SER E 393 -9.08 -1.70 34.99
C SER E 393 -9.51 -0.26 34.84
N ILE E 394 -8.77 0.65 35.49
CA ILE E 394 -9.00 2.08 35.43
C ILE E 394 -7.63 2.73 35.22
N ARG E 395 -7.47 3.44 34.12
CA ARG E 395 -6.19 4.10 33.84
C ARG E 395 -6.02 5.33 34.71
N VAL E 396 -4.86 5.43 35.34
CA VAL E 396 -4.45 6.63 36.06
C VAL E 396 -3.24 7.18 35.33
N VAL E 397 -3.36 8.39 34.78
CA VAL E 397 -2.37 8.96 33.87
C VAL E 397 -1.87 10.28 34.44
N VAL E 398 -0.55 10.40 34.59
CA VAL E 398 0.06 11.54 35.25
C VAL E 398 0.70 12.45 34.21
N THR E 399 0.60 13.76 34.43
CA THR E 399 1.22 14.75 33.55
C THR E 399 2.05 15.72 34.39
N VAL E 400 2.76 16.65 33.75
CA VAL E 400 3.54 17.63 34.48
C VAL E 400 2.72 18.82 34.92
N GLU E 401 1.53 18.97 34.36
CA GLU E 401 0.65 20.10 34.64
C GLU E 401 -0.19 19.96 35.89
N GLN E 402 -0.22 18.77 36.45
CA GLN E 402 -0.95 18.49 37.68
C GLN E 402 -0.10 18.88 38.89
N THR E 403 -0.60 19.78 39.71
CA THR E 403 0.16 20.21 40.87
C THR E 403 0.14 19.13 41.94
N GLU E 404 1.00 19.30 42.93
CA GLU E 404 1.12 18.32 44.00
C GLU E 404 -0.15 18.25 44.85
N GLU E 405 -0.81 19.39 45.07
CA GLU E 405 -2.06 19.41 45.80
C GLU E 405 -3.14 18.61 45.09
N GLU E 406 -3.28 18.79 43.79
CA GLU E 406 -4.24 18.00 43.03
C GLU E 406 -3.91 16.52 43.07
N LEU E 407 -2.61 16.18 43.00
CA LEU E 407 -2.20 14.79 43.07
C LEU E 407 -2.53 14.15 44.40
N GLU E 408 -2.30 14.84 45.51
CA GLU E 408 -2.62 14.25 46.80
C GLU E 408 -4.10 14.29 47.13
N ARG E 409 -4.87 15.16 46.48
CA ARG E 409 -6.31 15.16 46.64
C ARG E 409 -7.01 14.11 45.78
N ALA E 410 -6.41 13.71 44.66
CA ALA E 410 -6.94 12.61 43.87
C ALA E 410 -6.95 11.28 44.60
N ALA E 411 -5.89 10.97 45.36
CA ALA E 411 -5.82 9.71 46.08
C ALA E 411 -6.93 9.60 47.12
N SER E 412 -7.20 10.69 47.84
CA SER E 412 -8.26 10.67 48.83
C SER E 412 -9.62 10.37 48.20
N THR E 413 -9.94 11.04 47.09
CA THR E 413 -11.21 10.79 46.43
C THR E 413 -11.30 9.37 45.89
N ILE E 414 -10.22 8.85 45.31
CA ILE E 414 -10.26 7.49 44.79
C ILE E 414 -10.43 6.47 45.90
N LYS E 415 -9.83 6.71 47.06
CA LYS E 415 -9.96 5.77 48.17
C LYS E 415 -11.31 5.84 48.86
N GLU E 416 -11.85 7.05 48.97
CA GLU E 416 -13.13 7.28 49.62
C GLU E 416 -14.28 6.58 48.90
N VAL E 417 -14.34 6.69 47.59
CA VAL E 417 -15.42 6.07 46.83
C VAL E 417 -15.22 4.59 46.61
N ALA E 418 -13.99 4.08 46.73
CA ALA E 418 -13.73 2.68 46.48
C ALA E 418 -13.91 1.82 47.71
N GLN E 419 -13.68 2.35 48.90
CA GLN E 419 -13.99 1.62 50.12
C GLN E 419 -15.44 1.79 50.53
N ALA E 420 -16.31 2.18 49.60
CA ALA E 420 -17.73 2.33 49.86
C ALA E 420 -18.57 1.81 48.69
N VAL E 421 -17.94 1.16 47.71
CA VAL E 421 -18.63 0.51 46.62
C VAL E 421 -18.23 -0.95 46.63
N LEU E 422 -17.03 -1.23 47.14
CA LEU E 422 -16.49 -2.57 47.19
C LEU E 422 -16.66 -3.21 48.57
N LEU E 423 -17.36 -2.53 49.46
CA LEU E 423 -17.70 -3.09 50.76
C LEU E 423 -18.97 -3.91 50.66
#